data_1G3L
#
_entry.id   1G3L
#
_cell.length_a   71.087
_cell.length_b   138.557
_cell.length_c   139.676
_cell.angle_alpha   90.00
_cell.angle_beta   90.00
_cell.angle_gamma   90.00
#
_symmetry.space_group_name_H-M   'P 21 21 21'
#
loop_
_entity.id
_entity.type
_entity.pdbx_description
1 polymer 'GLUCOSE-1-PHOSPHATE THYMIDYLYLTRANSFERASE'
2 non-polymer 'SULFATE ION'
3 non-polymer "2'-DEOXY-THYMIDINE-BETA-L-RHAMNOSE"
#
_entity_poly.entity_id   1
_entity_poly.type   'polypeptide(L)'
_entity_poly.pdbx_seq_one_letter_code
;MKRKGIILAGGSGTRLHPATLAISKQLLPVYDKPMIYYPLSTLMLAGIREILIISTPQDTPRFQQLLGDGSNWGLDLQYA
VQPSPDGLAQAFLIGESFIGNDLSALVLGDNLYYGHDFHELLGSASQRQTGASVFAYHVLDPERYGVVEFDQGGKAISLE
EKPLEPKSNYAVTGLYFYDQQVVDIARDLKPSPRGELEITDVNRAYLERGQLSVEIMGRGYAWLDTGTHDSLLEAGQFIA
TLENRQGLKVACPEEIAYRQKWIDAAQLEKLAAPLAKNGYGQYLKRLLTETVY
;
_entity_poly.pdbx_strand_id   A,B,C,D
#
# COMPACT_ATOMS: atom_id res chain seq x y z
N LYS A 2 36.69 -13.38 -12.94
CA LYS A 2 37.08 -12.57 -11.75
C LYS A 2 36.72 -11.11 -11.89
N ARG A 3 35.47 -10.77 -11.65
CA ARG A 3 35.01 -9.42 -11.72
C ARG A 3 34.76 -8.75 -10.37
N LYS A 4 35.22 -7.53 -10.25
CA LYS A 4 35.06 -6.79 -9.04
C LYS A 4 33.81 -5.94 -9.15
N GLY A 5 33.19 -5.68 -8.00
CA GLY A 5 32.02 -4.83 -8.01
C GLY A 5 32.19 -3.54 -7.21
N ILE A 6 31.44 -2.54 -7.64
CA ILE A 6 31.37 -1.32 -6.93
C ILE A 6 29.91 -0.97 -6.69
N ILE A 7 29.56 -0.55 -5.48
CA ILE A 7 28.22 -0.01 -5.22
C ILE A 7 28.38 1.48 -4.95
N LEU A 8 27.73 2.31 -5.75
CA LEU A 8 27.84 3.74 -5.56
C LEU A 8 26.70 4.20 -4.69
N ALA A 9 26.94 4.45 -3.43
CA ALA A 9 25.82 4.75 -2.54
C ALA A 9 26.03 6.03 -1.79
N GLY A 10 26.55 7.01 -2.48
CA GLY A 10 26.71 8.29 -1.86
C GLY A 10 25.54 9.13 -2.30
N GLY A 11 25.88 10.29 -2.81
CA GLY A 11 24.90 11.08 -3.48
C GLY A 11 24.28 11.83 -2.36
N SER A 12 23.79 13.01 -2.70
CA SER A 12 23.03 13.81 -1.77
C SER A 12 21.55 13.29 -1.96
N GLY A 13 20.73 13.51 -0.93
CA GLY A 13 19.30 13.24 -1.05
C GLY A 13 18.52 14.55 -0.95
N THR A 14 19.18 15.70 -1.20
CA THR A 14 18.52 17.00 -1.02
C THR A 14 17.09 16.83 -1.43
N ARG A 15 16.90 16.31 -2.64
CA ARG A 15 15.56 16.06 -3.08
C ARG A 15 14.84 15.50 -1.84
N LEU A 16 15.25 14.32 -1.41
CA LEU A 16 14.63 13.61 -0.27
C LEU A 16 14.81 14.22 1.12
N HIS A 17 15.27 15.44 1.24
CA HIS A 17 15.25 16.05 2.58
C HIS A 17 13.81 16.47 2.88
N PRO A 18 13.43 16.57 4.16
CA PRO A 18 14.29 16.24 5.28
C PRO A 18 14.32 14.78 5.65
N ALA A 19 13.61 13.90 4.95
CA ALA A 19 13.60 12.49 5.33
C ALA A 19 15.00 11.94 5.47
N THR A 20 15.90 12.32 4.59
CA THR A 20 17.23 11.79 4.72
C THR A 20 18.25 12.72 5.36
N LEU A 21 17.81 13.68 6.15
CA LEU A 21 18.74 14.56 6.86
C LEU A 21 19.68 13.87 7.84
N ALA A 22 19.24 12.77 8.44
CA ALA A 22 20.04 12.07 9.46
C ALA A 22 20.80 10.85 8.99
N ILE A 23 20.45 10.31 7.84
CA ILE A 23 21.12 9.10 7.38
C ILE A 23 20.92 8.90 5.90
N SER A 24 21.95 8.41 5.24
CA SER A 24 21.88 8.25 3.79
C SER A 24 20.70 7.42 3.39
N LYS A 25 20.27 7.67 2.17
CA LYS A 25 19.13 7.04 1.62
C LYS A 25 19.33 5.52 1.68
N GLN A 26 20.54 5.12 1.38
CA GLN A 26 20.82 3.72 1.11
C GLN A 26 20.76 2.86 2.35
N LEU A 27 20.68 3.48 3.53
CA LEU A 27 20.61 2.77 4.80
C LEU A 27 19.21 2.72 5.35
N LEU A 28 18.30 3.36 4.67
CA LEU A 28 16.91 3.24 5.02
C LEU A 28 16.43 1.92 4.53
N PRO A 29 15.47 1.38 5.24
CA PRO A 29 14.91 0.10 4.91
C PRO A 29 13.94 0.15 3.78
N VAL A 30 13.97 -0.88 2.95
CA VAL A 30 12.89 -1.12 2.01
C VAL A 30 12.14 -2.31 2.58
N TYR A 31 11.03 -2.02 3.25
CA TYR A 31 10.19 -3.00 3.94
C TYR A 31 10.87 -3.56 5.16
N ASP A 32 11.76 -4.54 4.99
CA ASP A 32 12.29 -5.20 6.16
C ASP A 32 13.77 -5.37 6.21
N LYS A 33 14.50 -4.76 5.29
CA LYS A 33 15.95 -4.76 5.40
C LYS A 33 16.53 -3.51 4.71
N PRO A 34 17.74 -3.12 5.03
CA PRO A 34 18.30 -1.88 4.49
C PRO A 34 18.38 -1.92 3.00
N MET A 35 18.05 -0.80 2.36
CA MET A 35 18.08 -0.65 0.90
C MET A 35 19.35 -1.16 0.26
N ILE A 36 20.50 -0.86 0.84
CA ILE A 36 21.72 -1.28 0.18
C ILE A 36 21.78 -2.77 -0.01
N TYR A 37 21.10 -3.53 0.81
CA TYR A 37 21.11 -4.98 0.67
C TYR A 37 20.68 -5.46 -0.74
N TYR A 38 19.77 -4.72 -1.35
CA TYR A 38 19.20 -5.13 -2.61
C TYR A 38 20.28 -5.16 -3.70
N PRO A 39 20.85 -4.01 -4.02
CA PRO A 39 21.93 -4.00 -4.99
C PRO A 39 23.06 -4.83 -4.50
N LEU A 40 23.27 -4.91 -3.18
CA LEU A 40 24.34 -5.77 -2.69
C LEU A 40 24.06 -7.17 -3.20
N SER A 41 22.79 -7.55 -3.19
CA SER A 41 22.42 -8.92 -3.57
C SER A 41 22.62 -9.12 -5.06
N THR A 42 22.46 -8.04 -5.79
CA THR A 42 22.54 -8.10 -7.23
C THR A 42 23.93 -8.50 -7.64
N LEU A 43 24.92 -7.87 -7.05
CA LEU A 43 26.29 -8.24 -7.35
C LEU A 43 26.60 -9.64 -6.89
N MET A 44 26.05 -10.04 -5.75
CA MET A 44 26.38 -11.35 -5.20
C MET A 44 25.88 -12.34 -6.23
N LEU A 45 24.69 -12.09 -6.77
CA LEU A 45 24.07 -13.04 -7.68
C LEU A 45 24.78 -13.02 -9.01
N ALA A 46 25.51 -11.96 -9.25
CA ALA A 46 26.39 -11.92 -10.40
C ALA A 46 27.69 -12.69 -10.17
N GLY A 47 27.84 -13.37 -9.05
CA GLY A 47 29.09 -14.06 -8.82
C GLY A 47 30.20 -13.19 -8.30
N ILE A 48 29.89 -11.98 -7.86
CA ILE A 48 30.93 -11.07 -7.44
C ILE A 48 31.09 -11.09 -5.94
N ARG A 49 32.32 -11.31 -5.48
CA ARG A 49 32.58 -11.40 -4.05
C ARG A 49 33.39 -10.26 -3.51
N GLU A 50 34.09 -9.55 -4.40
CA GLU A 50 34.98 -8.48 -3.96
C GLU A 50 34.37 -7.15 -4.35
N ILE A 51 34.01 -6.35 -3.37
CA ILE A 51 33.19 -5.17 -3.62
C ILE A 51 33.58 -3.95 -2.86
N LEU A 52 33.58 -2.84 -3.56
CA LEU A 52 33.93 -1.56 -3.00
C LEU A 52 32.67 -0.75 -2.83
N ILE A 53 32.41 -0.31 -1.61
CA ILE A 53 31.24 0.52 -1.34
C ILE A 53 31.66 1.98 -1.26
N ILE A 54 31.08 2.81 -2.13
CA ILE A 54 31.40 4.22 -2.17
C ILE A 54 30.25 4.99 -1.54
N SER A 55 30.57 6.05 -0.82
CA SER A 55 29.53 6.74 -0.13
C SER A 55 30.00 8.10 0.30
N THR A 56 29.17 8.85 1.01
CA THR A 56 29.67 10.13 1.48
C THR A 56 30.65 9.85 2.60
N PRO A 57 31.56 10.79 2.81
CA PRO A 57 32.51 10.73 3.90
C PRO A 57 31.85 10.53 5.23
N GLN A 58 30.74 11.20 5.35
CA GLN A 58 30.06 11.21 6.61
C GLN A 58 29.42 9.89 6.99
N ASP A 59 28.85 9.20 5.99
CA ASP A 59 28.13 7.96 6.26
C ASP A 59 28.92 6.65 6.12
N THR A 60 30.09 6.67 5.50
CA THR A 60 30.91 5.44 5.44
C THR A 60 30.92 4.59 6.71
N PRO A 61 31.21 5.21 7.83
CA PRO A 61 31.29 4.48 9.08
C PRO A 61 30.02 3.73 9.36
N ARG A 62 28.93 4.35 8.97
CA ARG A 62 27.64 3.73 9.17
C ARG A 62 27.46 2.59 8.18
N PHE A 63 27.94 2.77 6.96
CA PHE A 63 27.90 1.66 6.01
C PHE A 63 28.73 0.53 6.53
N GLN A 64 29.90 0.86 7.08
CA GLN A 64 30.77 -0.15 7.68
C GLN A 64 30.13 -0.82 8.87
N GLN A 65 29.43 -0.05 9.65
CA GLN A 65 28.87 -0.60 10.85
C GLN A 65 27.86 -1.68 10.48
N LEU A 66 27.23 -1.47 9.34
CA LEU A 66 26.19 -2.34 8.90
C LEU A 66 26.67 -3.62 8.19
N LEU A 67 27.70 -3.50 7.36
CA LEU A 67 28.10 -4.62 6.52
C LEU A 67 29.40 -5.29 6.93
N GLY A 68 30.25 -4.59 7.66
CA GLY A 68 31.48 -5.18 8.10
C GLY A 68 32.39 -5.46 6.93
N ASP A 69 33.37 -6.32 7.16
CA ASP A 69 34.37 -6.48 6.14
C ASP A 69 33.87 -7.49 5.10
N GLY A 70 32.77 -8.15 5.43
CA GLY A 70 32.15 -9.05 4.47
C GLY A 70 32.44 -10.52 4.71
N SER A 71 33.54 -10.77 5.38
CA SER A 71 33.88 -12.15 5.75
C SER A 71 32.66 -12.94 6.22
N ASN A 72 31.73 -12.31 6.94
CA ASN A 72 30.67 -13.11 7.56
C ASN A 72 29.73 -13.70 6.51
N TRP A 73 29.71 -13.08 5.34
CA TRP A 73 28.88 -13.52 4.26
C TRP A 73 29.72 -14.00 3.11
N GLY A 74 30.99 -14.28 3.37
CA GLY A 74 31.88 -14.78 2.34
C GLY A 74 32.36 -13.71 1.35
N LEU A 75 32.24 -12.45 1.72
CA LEU A 75 32.64 -11.37 0.83
C LEU A 75 33.85 -10.68 1.35
N ASP A 76 34.42 -9.87 0.48
CA ASP A 76 35.51 -9.01 0.85
C ASP A 76 35.02 -7.60 0.52
N LEU A 77 34.54 -6.90 1.52
CA LEU A 77 34.03 -5.58 1.26
C LEU A 77 35.03 -4.50 1.58
N GLN A 78 35.14 -3.55 0.68
CA GLN A 78 35.94 -2.38 0.92
C GLN A 78 35.21 -1.09 0.80
N TYR A 79 35.82 -0.04 1.34
CA TYR A 79 35.16 1.25 1.44
C TYR A 79 35.97 2.42 0.92
N ALA A 80 35.25 3.38 0.35
CA ALA A 80 35.88 4.52 -0.21
C ALA A 80 34.83 5.60 -0.08
N VAL A 81 35.23 6.81 -0.42
CA VAL A 81 34.44 7.96 -0.14
C VAL A 81 34.32 8.87 -1.34
N GLN A 82 33.21 9.58 -1.43
CA GLN A 82 32.96 10.54 -2.51
C GLN A 82 32.54 11.86 -1.89
N PRO A 83 33.47 12.78 -1.74
CA PRO A 83 33.17 14.04 -1.08
C PRO A 83 32.01 14.74 -1.74
N SER A 84 31.93 14.62 -3.04
CA SER A 84 30.95 15.33 -3.79
C SER A 84 30.37 14.46 -4.88
N PRO A 85 29.08 14.58 -5.14
CA PRO A 85 28.37 13.70 -6.09
C PRO A 85 28.51 14.16 -7.50
N ASP A 86 29.71 13.98 -8.00
CA ASP A 86 30.08 14.54 -9.26
C ASP A 86 29.90 13.63 -10.48
N GLY A 87 29.19 12.52 -10.32
CA GLY A 87 28.83 11.66 -11.45
C GLY A 87 29.12 10.20 -11.22
N LEU A 88 28.30 9.32 -11.80
CA LEU A 88 28.51 7.89 -11.66
C LEU A 88 29.88 7.53 -12.11
N ALA A 89 30.30 8.12 -13.22
CA ALA A 89 31.60 7.76 -13.81
C ALA A 89 32.72 8.00 -12.84
N GLN A 90 32.49 8.86 -11.87
CA GLN A 90 33.56 9.16 -10.90
C GLN A 90 33.92 7.88 -10.15
N ALA A 91 32.98 6.96 -10.05
CA ALA A 91 33.20 5.76 -9.28
C ALA A 91 34.41 5.05 -9.80
N PHE A 92 34.68 5.19 -11.09
CA PHE A 92 35.85 4.54 -11.67
C PHE A 92 37.13 5.26 -11.38
N LEU A 93 37.11 6.58 -11.21
CA LEU A 93 38.33 7.23 -10.78
C LEU A 93 38.53 6.88 -9.30
N ILE A 94 37.51 7.06 -8.48
CA ILE A 94 37.73 6.71 -7.08
C ILE A 94 38.14 5.24 -6.90
N GLY A 95 37.64 4.38 -7.79
CA GLY A 95 37.81 2.95 -7.64
C GLY A 95 38.93 2.37 -8.46
N GLU A 96 39.65 3.24 -9.14
CA GLU A 96 40.73 2.82 -10.02
C GLU A 96 41.67 1.79 -9.43
N SER A 97 42.20 2.03 -8.26
CA SER A 97 43.22 1.12 -7.78
C SER A 97 42.55 -0.10 -7.22
N PHE A 98 41.35 0.05 -6.70
CA PHE A 98 40.56 -1.11 -6.27
C PHE A 98 40.42 -2.04 -7.45
N ILE A 99 40.17 -1.50 -8.63
CA ILE A 99 39.89 -2.33 -9.81
C ILE A 99 41.12 -2.98 -10.38
N GLY A 100 42.20 -2.23 -10.39
CA GLY A 100 43.44 -2.74 -10.92
C GLY A 100 43.18 -3.22 -12.35
N ASN A 101 43.63 -4.42 -12.64
CA ASN A 101 43.48 -4.93 -13.99
C ASN A 101 42.33 -5.91 -14.19
N ASP A 102 41.26 -5.79 -13.42
CA ASP A 102 40.18 -6.72 -13.54
C ASP A 102 38.92 -6.18 -14.23
N LEU A 103 38.06 -7.10 -14.63
CA LEU A 103 36.75 -6.73 -15.09
C LEU A 103 36.02 -6.13 -13.91
N SER A 104 35.02 -5.31 -14.15
CA SER A 104 34.23 -4.76 -13.05
C SER A 104 32.77 -4.58 -13.37
N ALA A 105 32.06 -4.14 -12.35
CA ALA A 105 30.65 -3.86 -12.49
C ALA A 105 30.31 -2.77 -11.53
N LEU A 106 29.35 -1.98 -11.90
CA LEU A 106 28.89 -0.90 -11.05
C LEU A 106 27.38 -0.98 -10.92
N VAL A 107 26.87 -0.86 -9.70
CA VAL A 107 25.44 -0.80 -9.46
C VAL A 107 25.13 0.32 -8.51
N LEU A 108 24.02 1.01 -8.70
CA LEU A 108 23.62 2.10 -7.79
C LEU A 108 23.03 1.53 -6.54
N GLY A 109 23.39 2.11 -5.41
CA GLY A 109 22.89 1.68 -4.10
C GLY A 109 21.41 1.88 -3.78
N ASP A 110 20.66 2.50 -4.67
CA ASP A 110 19.24 2.64 -4.37
C ASP A 110 18.44 1.99 -5.47
N ASN A 111 19.13 1.19 -6.28
CA ASN A 111 18.49 0.50 -7.37
C ASN A 111 18.13 -0.91 -7.01
N LEU A 112 16.85 -1.21 -7.09
CA LEU A 112 16.32 -2.50 -6.70
C LEU A 112 15.75 -3.29 -7.88
N TYR A 113 16.36 -4.44 -8.19
CA TYR A 113 15.99 -5.34 -9.31
C TYR A 113 15.40 -6.64 -8.82
N TYR A 114 14.38 -7.16 -9.49
CA TYR A 114 13.80 -8.44 -9.11
C TYR A 114 13.07 -9.15 -10.23
N GLY A 115 13.34 -10.45 -10.36
CA GLY A 115 12.66 -11.24 -11.37
C GLY A 115 13.17 -12.65 -11.62
N HIS A 116 12.33 -13.43 -12.29
CA HIS A 116 12.66 -14.77 -12.72
C HIS A 116 13.84 -14.80 -13.68
N ASP A 117 14.81 -15.64 -13.37
CA ASP A 117 16.00 -15.81 -14.15
C ASP A 117 16.90 -14.56 -14.17
N PHE A 118 16.69 -13.66 -13.24
CA PHE A 118 17.54 -12.51 -13.13
C PHE A 118 18.97 -12.99 -12.87
N HIS A 119 19.12 -14.13 -12.22
CA HIS A 119 20.43 -14.65 -11.86
C HIS A 119 21.17 -15.09 -13.12
N GLU A 120 20.43 -15.65 -14.07
CA GLU A 120 21.05 -16.08 -15.32
C GLU A 120 21.37 -14.84 -16.12
N LEU A 121 20.52 -13.85 -16.00
CA LEU A 121 20.76 -12.62 -16.72
C LEU A 121 22.11 -12.14 -16.26
N LEU A 122 22.23 -11.94 -14.95
CA LEU A 122 23.49 -11.52 -14.39
C LEU A 122 24.65 -12.43 -14.79
N GLY A 123 24.40 -13.72 -14.85
CA GLY A 123 25.46 -14.65 -15.13
C GLY A 123 26.07 -14.30 -16.47
N SER A 124 25.18 -14.13 -17.46
CA SER A 124 25.63 -13.91 -18.81
C SER A 124 26.45 -12.65 -18.89
N ALA A 125 25.92 -11.55 -18.39
CA ALA A 125 26.68 -10.33 -18.46
C ALA A 125 28.00 -10.50 -17.73
N SER A 126 28.01 -11.18 -16.60
CA SER A 126 29.20 -11.14 -15.77
C SER A 126 30.33 -11.97 -16.31
N GLN A 127 29.96 -13.03 -17.02
CA GLN A 127 30.90 -13.94 -17.62
C GLN A 127 31.45 -13.46 -18.94
N ARG A 128 30.86 -12.42 -19.55
CA ARG A 128 31.42 -11.90 -20.81
C ARG A 128 32.86 -11.49 -20.48
N GLN A 129 33.80 -11.75 -21.38
CA GLN A 129 35.12 -11.22 -21.13
C GLN A 129 35.49 -10.06 -22.01
N THR A 130 34.55 -9.28 -22.48
CA THR A 130 34.94 -8.11 -23.26
C THR A 130 33.82 -7.11 -23.36
N GLY A 131 34.23 -5.87 -23.54
CA GLY A 131 33.29 -4.79 -23.80
C GLY A 131 32.50 -4.48 -22.58
N ALA A 132 31.40 -3.82 -22.79
CA ALA A 132 30.55 -3.43 -21.69
C ALA A 132 29.17 -3.99 -21.90
N SER A 133 28.49 -4.27 -20.81
CA SER A 133 27.09 -4.65 -20.91
C SER A 133 26.20 -3.75 -20.06
N VAL A 134 25.09 -3.27 -20.61
CA VAL A 134 24.11 -2.52 -19.81
C VAL A 134 22.73 -2.99 -20.13
N PHE A 135 21.74 -2.48 -19.42
CA PHE A 135 20.35 -2.95 -19.59
C PHE A 135 19.35 -1.87 -19.93
N ALA A 136 18.44 -2.19 -20.81
CA ALA A 136 17.44 -1.21 -21.21
C ALA A 136 16.09 -1.67 -20.71
N TYR A 137 15.32 -0.76 -20.11
CA TYR A 137 14.01 -1.11 -19.52
C TYR A 137 12.96 -0.08 -19.82
N HIS A 138 11.78 -0.54 -20.24
CA HIS A 138 10.68 0.35 -20.57
C HIS A 138 10.16 1.04 -19.33
N VAL A 139 10.20 2.37 -19.32
CA VAL A 139 9.65 3.13 -18.21
C VAL A 139 8.72 4.26 -18.63
N LEU A 140 8.05 4.84 -17.65
CA LEU A 140 7.10 5.88 -17.90
C LEU A 140 7.79 7.18 -18.13
N ASP A 141 8.95 7.43 -17.50
CA ASP A 141 9.62 8.73 -17.68
C ASP A 141 11.06 8.65 -18.08
N PRO A 142 11.28 8.17 -19.27
CA PRO A 142 12.62 7.98 -19.74
C PRO A 142 13.42 9.26 -19.67
N GLU A 143 12.80 10.42 -19.79
CA GLU A 143 13.56 11.68 -19.79
C GLU A 143 14.36 11.88 -18.50
N ARG A 144 14.09 11.07 -17.49
CA ARG A 144 14.85 11.18 -16.26
C ARG A 144 16.18 10.50 -16.35
N TYR A 145 16.34 9.62 -17.32
CA TYR A 145 17.49 8.77 -17.41
C TYR A 145 18.26 8.91 -18.70
N GLY A 146 19.30 8.11 -18.84
CA GLY A 146 19.98 8.01 -20.11
C GLY A 146 19.05 7.15 -20.95
N VAL A 147 18.66 7.63 -22.13
CA VAL A 147 17.73 6.91 -22.98
C VAL A 147 18.43 6.26 -24.15
N VAL A 148 18.02 5.04 -24.53
CA VAL A 148 18.64 4.40 -25.69
C VAL A 148 17.74 4.50 -26.95
N GLU A 149 18.37 4.53 -28.14
CA GLU A 149 17.69 4.57 -29.44
C GLU A 149 17.97 3.30 -30.21
N PHE A 150 16.92 2.67 -30.72
CA PHE A 150 17.10 1.43 -31.44
C PHE A 150 16.79 1.65 -32.89
N ASP A 151 17.46 0.89 -33.75
CA ASP A 151 17.09 0.88 -35.16
C ASP A 151 15.98 -0.14 -35.36
N GLN A 152 15.55 -0.24 -36.59
CA GLN A 152 14.42 -1.08 -36.94
C GLN A 152 14.56 -2.59 -36.71
N GLY A 153 15.78 -3.04 -36.44
CA GLY A 153 16.05 -4.43 -36.13
C GLY A 153 16.28 -4.61 -34.66
N GLY A 154 16.02 -3.57 -33.85
CA GLY A 154 16.17 -3.67 -32.39
C GLY A 154 17.60 -3.56 -31.84
N LYS A 155 18.50 -3.02 -32.65
CA LYS A 155 19.89 -2.88 -32.28
C LYS A 155 20.16 -1.44 -31.81
N ALA A 156 20.90 -1.29 -30.73
CA ALA A 156 21.11 0.03 -30.15
C ALA A 156 22.05 0.89 -31.00
N ILE A 157 21.64 2.11 -31.28
CA ILE A 157 22.45 2.95 -32.16
C ILE A 157 22.87 4.26 -31.54
N SER A 158 22.24 4.64 -30.43
CA SER A 158 22.65 5.87 -29.78
C SER A 158 22.09 5.99 -28.38
N LEU A 159 22.71 6.88 -27.63
CA LEU A 159 22.30 7.18 -26.28
C LEU A 159 22.32 8.67 -26.04
N GLU A 160 21.42 9.11 -25.19
CA GLU A 160 21.25 10.53 -24.89
C GLU A 160 20.89 10.61 -23.41
N GLU A 161 21.64 11.37 -22.65
CA GLU A 161 21.33 11.52 -21.24
C GLU A 161 20.31 12.64 -21.02
N LYS A 162 19.17 12.31 -20.37
CA LYS A 162 18.15 13.30 -20.02
C LYS A 162 17.78 14.21 -21.18
N PRO A 163 17.25 13.62 -22.22
CA PRO A 163 16.86 14.35 -23.40
C PRO A 163 15.55 15.01 -23.28
N LEU A 164 15.45 16.22 -23.82
CA LEU A 164 14.19 16.90 -23.80
C LEU A 164 13.15 16.05 -24.44
N GLU A 165 13.47 15.49 -25.60
CA GLU A 165 12.55 14.60 -26.26
C GLU A 165 13.08 13.22 -26.56
N PRO A 166 12.66 12.30 -25.73
CA PRO A 166 13.14 10.93 -25.74
C PRO A 166 12.83 10.20 -27.02
N LYS A 167 13.82 9.54 -27.58
CA LYS A 167 13.67 8.77 -28.80
C LYS A 167 12.98 7.44 -28.55
N SER A 168 12.83 7.07 -27.30
CA SER A 168 12.15 5.85 -26.93
C SER A 168 11.90 5.89 -25.42
N ASN A 169 11.11 4.96 -24.93
CA ASN A 169 10.84 4.88 -23.52
C ASN A 169 11.79 3.89 -22.83
N TYR A 170 12.90 3.53 -23.50
CA TYR A 170 13.89 2.61 -22.89
C TYR A 170 14.97 3.33 -22.11
N ALA A 171 14.91 3.21 -20.80
CA ALA A 171 15.91 3.78 -19.95
C ALA A 171 17.04 2.81 -19.63
N VAL A 172 18.26 3.32 -19.50
CA VAL A 172 19.41 2.47 -19.12
C VAL A 172 19.41 2.31 -17.60
N THR A 173 19.19 1.10 -17.11
CA THR A 173 19.13 0.94 -15.65
C THR A 173 20.50 1.25 -15.02
N GLY A 174 20.57 1.20 -13.69
CA GLY A 174 21.80 1.56 -13.02
C GLY A 174 22.61 0.36 -12.58
N LEU A 175 22.94 -0.47 -13.55
CA LEU A 175 23.71 -1.69 -13.33
C LEU A 175 24.63 -1.73 -14.53
N TYR A 176 25.93 -1.88 -14.33
CA TYR A 176 26.85 -1.78 -15.44
C TYR A 176 28.03 -2.72 -15.32
N PHE A 177 28.38 -3.38 -16.43
CA PHE A 177 29.46 -4.36 -16.45
C PHE A 177 30.47 -3.83 -17.42
N TYR A 178 31.74 -3.80 -17.03
CA TYR A 178 32.80 -3.28 -17.89
C TYR A 178 34.03 -4.15 -17.91
N ASP A 179 34.77 -4.05 -19.00
CA ASP A 179 36.00 -4.78 -19.18
C ASP A 179 37.11 -3.82 -18.76
N GLN A 180 38.34 -4.05 -19.16
CA GLN A 180 39.39 -3.14 -18.68
C GLN A 180 39.44 -1.77 -19.31
N GLN A 181 38.44 -1.38 -20.09
CA GLN A 181 38.57 -0.10 -20.79
C GLN A 181 38.02 1.06 -19.99
N VAL A 182 37.16 0.76 -19.05
CA VAL A 182 36.38 1.78 -18.38
C VAL A 182 37.25 2.84 -17.65
N VAL A 183 38.33 2.43 -17.03
CA VAL A 183 39.11 3.36 -16.24
C VAL A 183 39.74 4.43 -17.12
N ASP A 184 40.38 4.00 -18.17
CA ASP A 184 41.02 4.99 -18.98
C ASP A 184 39.93 5.83 -19.60
N ILE A 185 38.81 5.20 -19.99
CA ILE A 185 37.73 5.98 -20.58
C ILE A 185 37.24 7.03 -19.56
N ALA A 186 37.11 6.64 -18.30
CA ALA A 186 36.63 7.61 -17.33
C ALA A 186 37.67 8.68 -17.09
N ARG A 187 38.94 8.32 -17.24
CA ARG A 187 40.01 9.31 -17.01
C ARG A 187 39.98 10.45 -18.03
N ASP A 188 39.47 10.20 -19.23
CA ASP A 188 39.39 11.25 -20.26
C ASP A 188 38.05 11.97 -20.34
N LEU A 189 37.13 11.73 -19.40
CA LEU A 189 35.86 12.44 -19.43
C LEU A 189 35.99 13.85 -18.91
N LYS A 190 35.21 14.69 -19.55
CA LYS A 190 35.08 16.03 -19.09
C LYS A 190 33.66 16.14 -18.60
N PRO A 191 33.49 17.01 -17.63
CA PRO A 191 32.19 17.30 -17.07
C PRO A 191 31.25 17.84 -18.10
N SER A 192 30.02 17.37 -18.02
CA SER A 192 28.93 17.87 -18.81
C SER A 192 28.46 19.23 -18.24
N PRO A 193 27.58 19.92 -18.95
CA PRO A 193 27.02 21.17 -18.48
C PRO A 193 26.48 21.01 -17.05
N ARG A 194 25.82 19.88 -16.78
CA ARG A 194 25.32 19.57 -15.43
C ARG A 194 26.40 19.56 -14.37
N GLY A 195 27.64 19.35 -14.80
CA GLY A 195 28.77 19.34 -13.88
C GLY A 195 29.19 17.95 -13.46
N GLU A 196 28.69 16.91 -14.11
CA GLU A 196 29.04 15.53 -13.75
C GLU A 196 29.78 14.72 -14.80
N LEU A 197 30.47 13.68 -14.34
CA LEU A 197 31.12 12.75 -15.25
C LEU A 197 30.07 11.68 -15.46
N GLU A 198 29.66 11.59 -16.70
CA GLU A 198 28.51 10.81 -17.09
C GLU A 198 28.80 9.42 -17.60
N ILE A 199 28.17 8.47 -16.94
CA ILE A 199 28.22 7.10 -17.36
C ILE A 199 27.68 6.96 -18.74
N THR A 200 26.83 7.86 -19.17
CA THR A 200 26.31 7.75 -20.51
C THR A 200 27.48 8.00 -21.43
N ASP A 201 28.36 8.90 -21.07
CA ASP A 201 29.49 9.16 -21.93
C ASP A 201 30.39 7.93 -21.96
N VAL A 202 30.40 7.19 -20.86
CA VAL A 202 31.19 5.99 -20.81
C VAL A 202 30.55 4.97 -21.69
N ASN A 203 29.22 4.89 -21.59
CA ASN A 203 28.49 3.91 -22.37
C ASN A 203 28.66 4.21 -23.83
N ARG A 204 28.62 5.49 -24.19
CA ARG A 204 28.81 5.87 -25.57
C ARG A 204 30.20 5.49 -26.08
N ALA A 205 31.23 5.68 -25.28
CA ALA A 205 32.56 5.37 -25.77
C ALA A 205 32.62 3.92 -26.21
N TYR A 206 32.00 3.05 -25.43
CA TYR A 206 32.00 1.64 -25.79
C TYR A 206 31.17 1.46 -27.06
N LEU A 207 30.07 2.17 -27.15
CA LEU A 207 29.17 2.02 -28.27
C LEU A 207 29.84 2.41 -29.59
N GLU A 208 30.63 3.48 -29.55
CA GLU A 208 31.34 3.98 -30.73
C GLU A 208 32.35 2.96 -31.34
N ARG A 209 32.85 2.04 -30.55
CA ARG A 209 33.61 0.92 -31.08
C ARG A 209 32.87 -0.38 -31.31
N GLY A 210 31.57 -0.39 -31.16
CA GLY A 210 30.85 -1.63 -31.43
C GLY A 210 31.10 -2.62 -30.34
N GLN A 211 31.34 -2.12 -29.13
CA GLN A 211 31.63 -2.97 -28.00
C GLN A 211 30.63 -2.76 -26.83
N LEU A 212 29.54 -2.07 -27.08
CA LEU A 212 28.51 -1.88 -26.04
C LEU A 212 27.36 -2.82 -26.30
N SER A 213 27.09 -3.70 -25.36
CA SER A 213 25.98 -4.62 -25.49
C SER A 213 24.80 -4.15 -24.67
N VAL A 214 23.69 -3.89 -25.33
CA VAL A 214 22.54 -3.38 -24.64
C VAL A 214 21.48 -4.46 -24.59
N GLU A 215 21.27 -5.05 -23.43
CA GLU A 215 20.24 -6.08 -23.31
C GLU A 215 18.96 -5.51 -22.77
N ILE A 216 17.88 -5.81 -23.47
CA ILE A 216 16.58 -5.44 -23.05
C ILE A 216 16.22 -6.24 -21.84
N MET A 217 15.77 -5.52 -20.82
CA MET A 217 15.31 -6.14 -19.62
C MET A 217 13.77 -6.12 -19.72
N GLY A 218 13.14 -7.26 -19.93
CA GLY A 218 11.71 -7.32 -20.14
C GLY A 218 10.78 -6.88 -19.02
N ARG A 219 9.55 -6.54 -19.40
CA ARG A 219 8.53 -6.04 -18.51
C ARG A 219 8.21 -7.04 -17.40
N GLY A 220 8.67 -8.26 -17.56
CA GLY A 220 8.56 -9.24 -16.49
C GLY A 220 9.47 -8.98 -15.30
N TYR A 221 10.55 -8.25 -15.51
CA TYR A 221 11.43 -7.91 -14.40
C TYR A 221 10.95 -6.64 -13.78
N ALA A 222 11.37 -6.41 -12.56
CA ALA A 222 11.06 -5.21 -11.85
C ALA A 222 12.34 -4.43 -11.67
N TRP A 223 12.39 -3.21 -12.19
CA TRP A 223 13.50 -2.32 -11.92
C TRP A 223 12.87 -1.15 -11.21
N LEU A 224 13.11 -1.05 -9.92
CA LEU A 224 12.54 0.02 -9.11
C LEU A 224 13.65 0.83 -8.54
N ASP A 225 13.40 2.09 -8.42
CA ASP A 225 14.46 2.91 -7.86
C ASP A 225 13.67 3.82 -6.97
N THR A 226 14.23 3.98 -5.81
CA THR A 226 13.51 4.50 -4.72
C THR A 226 13.89 5.95 -4.63
N GLY A 227 13.60 6.67 -5.71
CA GLY A 227 13.96 8.07 -5.86
C GLY A 227 12.91 9.08 -5.38
N THR A 228 11.74 8.60 -4.99
CA THR A 228 10.85 9.52 -4.32
C THR A 228 10.05 8.88 -3.22
N HIS A 229 9.61 9.71 -2.29
CA HIS A 229 8.83 9.25 -1.16
C HIS A 229 7.86 8.19 -1.62
N ASP A 230 7.06 8.53 -2.60
CA ASP A 230 6.06 7.61 -3.08
C ASP A 230 6.68 6.29 -3.53
N SER A 231 7.71 6.37 -4.36
CA SER A 231 8.25 5.16 -4.92
C SER A 231 8.88 4.26 -3.84
N LEU A 232 9.53 4.88 -2.85
CA LEU A 232 10.15 4.15 -1.74
C LEU A 232 9.03 3.33 -1.06
N LEU A 233 7.86 3.94 -1.02
CA LEU A 233 6.72 3.32 -0.44
C LEU A 233 6.34 2.09 -1.19
N GLU A 234 6.01 2.30 -2.45
CA GLU A 234 5.65 1.22 -3.36
C GLU A 234 6.70 0.11 -3.31
N ALA A 235 7.97 0.48 -3.32
CA ALA A 235 8.99 -0.56 -3.37
C ALA A 235 8.84 -1.42 -2.14
N GLY A 236 8.77 -0.78 -0.98
CA GLY A 236 8.66 -1.50 0.26
C GLY A 236 7.48 -2.42 0.17
N GLN A 237 6.47 -1.91 -0.44
CA GLN A 237 5.26 -2.66 -0.47
C GLN A 237 5.27 -3.82 -1.48
N PHE A 238 6.06 -3.69 -2.51
CA PHE A 238 6.17 -4.69 -3.56
C PHE A 238 6.82 -5.84 -2.85
N ILE A 239 7.87 -5.52 -2.12
CA ILE A 239 8.63 -6.55 -1.44
C ILE A 239 7.78 -7.26 -0.40
N ALA A 240 7.06 -6.51 0.39
CA ALA A 240 6.27 -7.14 1.41
C ALA A 240 5.29 -8.11 0.74
N THR A 241 4.71 -7.72 -0.38
CA THR A 241 3.73 -8.57 -1.03
C THR A 241 4.32 -9.92 -1.43
N LEU A 242 5.46 -9.92 -2.09
CA LEU A 242 6.13 -11.16 -2.44
C LEU A 242 6.48 -11.93 -1.18
N GLU A 243 7.08 -11.24 -0.21
CA GLU A 243 7.56 -11.94 0.98
C GLU A 243 6.45 -12.64 1.78
N ASN A 244 5.30 -11.99 1.92
CA ASN A 244 4.23 -12.59 2.70
C ASN A 244 3.46 -13.68 1.98
N ARG A 245 3.60 -13.74 0.66
CA ARG A 245 2.98 -14.80 -0.11
C ARG A 245 3.85 -16.06 -0.19
N GLN A 246 5.14 -15.87 -0.37
CA GLN A 246 6.09 -16.95 -0.55
C GLN A 246 6.65 -17.61 0.72
N GLY A 247 6.88 -16.81 1.76
CA GLY A 247 7.61 -17.28 2.91
C GLY A 247 9.11 -17.38 2.57
N LEU A 248 9.55 -16.53 1.66
CA LEU A 248 10.93 -16.38 1.26
C LEU A 248 11.21 -14.90 1.32
N LYS A 249 12.48 -14.52 1.45
CA LYS A 249 12.75 -13.11 1.54
C LYS A 249 13.62 -12.69 0.40
N VAL A 250 13.46 -11.46 -0.06
CA VAL A 250 14.26 -10.96 -1.14
C VAL A 250 15.51 -10.34 -0.58
N ALA A 251 16.60 -10.47 -1.33
CA ALA A 251 17.86 -9.81 -1.04
C ALA A 251 18.33 -9.98 0.36
N CYS A 252 18.43 -11.21 0.75
CA CYS A 252 18.87 -11.52 2.07
C CYS A 252 20.24 -12.20 1.89
N PRO A 253 21.29 -11.44 2.11
CA PRO A 253 22.67 -11.88 1.81
C PRO A 253 23.11 -13.19 2.45
N GLU A 254 22.66 -13.46 3.66
CA GLU A 254 23.04 -14.68 4.30
C GLU A 254 22.59 -15.81 3.41
N GLU A 255 21.36 -15.72 2.90
CA GLU A 255 20.84 -16.81 2.07
C GLU A 255 21.63 -16.96 0.80
N ILE A 256 21.96 -15.85 0.15
CA ILE A 256 22.59 -15.97 -1.15
C ILE A 256 23.95 -16.54 -0.98
N ALA A 257 24.66 -16.05 0.02
CA ALA A 257 25.98 -16.60 0.31
C ALA A 257 25.88 -18.10 0.54
N TYR A 258 24.89 -18.52 1.29
CA TYR A 258 24.80 -19.92 1.65
C TYR A 258 24.43 -20.72 0.41
N ARG A 259 23.56 -20.18 -0.42
CA ARG A 259 23.13 -20.91 -1.60
C ARG A 259 24.30 -21.15 -2.55
N GLN A 260 25.16 -20.14 -2.69
CA GLN A 260 26.39 -20.21 -3.48
C GLN A 260 27.54 -20.93 -2.82
N LYS A 261 27.33 -21.44 -1.61
CA LYS A 261 28.38 -22.14 -0.89
C LYS A 261 29.54 -21.23 -0.52
N TRP A 262 29.34 -19.92 -0.52
CA TRP A 262 30.36 -19.03 0.03
C TRP A 262 30.44 -19.13 1.57
N ILE A 263 29.40 -19.64 2.23
CA ILE A 263 29.47 -19.92 3.66
C ILE A 263 28.81 -21.27 3.83
N ASP A 264 29.09 -21.94 4.95
CA ASP A 264 28.54 -23.27 5.19
C ASP A 264 27.46 -23.23 6.26
N ALA A 265 26.82 -24.36 6.51
CA ALA A 265 25.69 -24.37 7.43
C ALA A 265 26.09 -23.93 8.80
N ALA A 266 27.30 -24.22 9.18
CA ALA A 266 27.68 -23.82 10.52
C ALA A 266 27.68 -22.31 10.52
N GLN A 267 28.18 -21.73 9.44
CA GLN A 267 28.33 -20.28 9.40
C GLN A 267 26.98 -19.59 9.42
N LEU A 268 26.04 -20.20 8.72
CA LEU A 268 24.71 -19.71 8.68
C LEU A 268 24.10 -19.81 10.06
N GLU A 269 24.36 -20.89 10.81
CA GLU A 269 23.67 -21.03 12.09
C GLU A 269 24.08 -19.87 12.97
N LYS A 270 25.37 -19.64 12.98
CA LYS A 270 26.00 -18.62 13.78
C LYS A 270 25.49 -17.24 13.39
N LEU A 271 25.20 -17.02 12.11
CA LEU A 271 24.74 -15.70 11.68
C LEU A 271 23.38 -15.40 12.21
N ALA A 272 22.63 -16.45 12.49
CA ALA A 272 21.25 -16.34 12.86
C ALA A 272 21.08 -16.17 14.36
N ALA A 273 21.94 -16.80 15.14
CA ALA A 273 21.77 -16.75 16.59
C ALA A 273 21.35 -15.34 17.06
N PRO A 274 22.12 -14.34 16.69
CA PRO A 274 21.91 -13.00 17.25
C PRO A 274 20.57 -12.43 16.83
N LEU A 275 20.05 -12.91 15.69
CA LEU A 275 18.76 -12.45 15.17
C LEU A 275 17.60 -13.42 15.53
N ALA A 276 17.86 -14.44 16.35
CA ALA A 276 16.82 -15.43 16.69
C ALA A 276 15.49 -14.88 17.16
N LYS A 277 15.49 -13.80 17.93
CA LYS A 277 14.24 -13.27 18.45
C LYS A 277 13.36 -12.57 17.41
N ASN A 278 13.75 -12.59 16.14
CA ASN A 278 12.87 -12.05 15.12
C ASN A 278 12.73 -12.86 13.87
N GLY A 279 11.88 -12.38 12.96
CA GLY A 279 11.58 -13.06 11.73
C GLY A 279 12.82 -13.36 10.92
N TYR A 280 13.66 -12.35 10.80
CA TYR A 280 14.85 -12.44 9.96
C TYR A 280 15.68 -13.60 10.46
N GLY A 281 15.84 -13.68 11.75
CA GLY A 281 16.69 -14.73 12.26
C GLY A 281 16.01 -16.07 12.06
N GLN A 282 14.70 -16.08 12.31
CA GLN A 282 13.96 -17.31 12.23
C GLN A 282 14.05 -17.82 10.80
N TYR A 283 14.04 -16.90 9.86
CA TYR A 283 14.10 -17.27 8.45
C TYR A 283 15.40 -17.98 8.23
N LEU A 284 16.50 -17.38 8.67
CA LEU A 284 17.79 -18.01 8.44
C LEU A 284 17.77 -19.44 8.97
N LYS A 285 17.31 -19.62 10.19
CA LYS A 285 17.34 -20.96 10.74
C LYS A 285 16.63 -21.87 9.78
N ARG A 286 15.44 -21.47 9.37
CA ARG A 286 14.60 -22.39 8.63
C ARG A 286 15.31 -22.82 7.37
N LEU A 287 16.17 -21.95 6.85
CA LEU A 287 16.88 -22.29 5.63
C LEU A 287 17.76 -23.51 5.83
N LEU A 288 18.21 -23.76 7.06
CA LEU A 288 19.09 -24.90 7.27
C LEU A 288 18.43 -26.24 7.19
N THR A 289 17.12 -26.28 7.02
CA THR A 289 16.44 -27.57 6.96
C THR A 289 15.29 -27.63 6.00
N GLU A 290 15.31 -26.78 4.99
CA GLU A 290 14.27 -26.82 4.03
C GLU A 290 14.97 -26.69 2.73
N THR A 291 14.64 -27.56 1.82
CA THR A 291 15.14 -27.39 0.50
C THR A 291 14.26 -26.31 -0.11
N VAL A 292 14.91 -25.34 -0.73
CA VAL A 292 14.24 -24.31 -1.48
C VAL A 292 14.78 -24.26 -2.92
N TYR A 293 13.90 -24.48 -3.90
CA TYR A 293 14.37 -24.58 -5.28
C TYR A 293 14.60 -23.21 -5.87
N LYS B 2 3.29 25.69 32.65
CA LYS B 2 4.67 25.33 32.19
C LYS B 2 5.06 23.87 32.39
N ARG B 3 4.81 23.05 31.39
CA ARG B 3 5.21 21.68 31.41
C ARG B 3 6.36 21.37 30.45
N LYS B 4 7.25 20.47 30.88
CA LYS B 4 8.40 20.07 30.10
C LYS B 4 8.12 18.72 29.47
N GLY B 5 8.64 18.49 28.27
CA GLY B 5 8.42 17.24 27.58
C GLY B 5 9.66 16.41 27.35
N ILE B 6 9.49 15.09 27.39
CA ILE B 6 10.54 14.17 27.14
C ILE B 6 10.12 13.27 26.00
N ILE B 7 11.01 13.02 25.03
CA ILE B 7 10.71 12.03 24.01
C ILE B 7 11.67 10.89 24.25
N LEU B 8 11.15 9.69 24.46
CA LEU B 8 12.03 8.55 24.70
C LEU B 8 12.29 7.84 23.36
N ALA B 9 13.44 8.07 22.77
CA ALA B 9 13.74 7.52 21.45
C ALA B 9 15.01 6.70 21.43
N GLY B 10 15.11 5.80 22.38
CA GLY B 10 16.25 4.93 22.44
C GLY B 10 15.71 3.59 22.03
N GLY B 11 16.02 2.64 22.88
CA GLY B 11 15.42 1.35 22.76
C GLY B 11 16.26 0.58 21.82
N SER B 12 16.04 -0.71 21.81
CA SER B 12 16.73 -1.55 20.86
C SER B 12 15.75 -1.75 19.73
N GLY B 13 16.32 -2.00 18.56
CA GLY B 13 15.47 -2.32 17.43
C GLY B 13 15.67 -3.81 17.17
N THR B 14 16.15 -4.59 18.16
CA THR B 14 16.55 -5.97 17.81
C THR B 14 15.44 -6.43 16.91
N ARG B 15 14.19 -6.33 17.34
CA ARG B 15 13.10 -6.85 16.50
C ARG B 15 13.35 -6.49 15.04
N LEU B 16 13.27 -5.20 14.73
CA LEU B 16 13.50 -4.64 13.37
C LEU B 16 14.89 -4.76 12.80
N HIS B 17 15.75 -5.56 13.40
CA HIS B 17 16.92 -5.88 12.60
C HIS B 17 16.68 -6.63 11.32
N PRO B 18 17.55 -6.57 10.35
CA PRO B 18 18.73 -5.71 10.33
C PRO B 18 18.42 -4.31 9.87
N ALA B 19 17.17 -4.04 9.59
CA ALA B 19 16.80 -2.75 9.07
C ALA B 19 17.40 -1.67 9.92
N THR B 20 17.37 -1.88 11.22
CA THR B 20 17.81 -0.83 12.12
C THR B 20 19.20 -1.01 12.69
N LEU B 21 20.06 -1.71 11.99
CA LEU B 21 21.42 -1.94 12.52
C LEU B 21 22.34 -0.77 12.43
N ALA B 22 22.06 0.11 11.47
CA ALA B 22 22.94 1.22 11.20
C ALA B 22 22.48 2.49 11.89
N ILE B 23 21.18 2.65 12.06
CA ILE B 23 20.64 3.82 12.70
C ILE B 23 19.43 3.45 13.49
N SER B 24 19.10 4.34 14.41
CA SER B 24 18.00 4.16 15.28
C SER B 24 16.74 4.37 14.48
N LYS B 25 15.77 3.52 14.74
CA LYS B 25 14.47 3.60 14.12
C LYS B 25 13.94 5.03 14.08
N GLN B 26 14.03 5.73 15.20
CA GLN B 26 13.45 7.06 15.29
C GLN B 26 14.07 8.09 14.34
N LEU B 27 15.17 7.72 13.69
CA LEU B 27 15.68 8.55 12.58
C LEU B 27 15.30 8.06 11.17
N LEU B 28 14.60 6.94 11.05
CA LEU B 28 14.11 6.54 9.78
C LEU B 28 12.93 7.42 9.49
N PRO B 29 12.60 7.56 8.23
CA PRO B 29 11.46 8.31 7.79
C PRO B 29 10.16 7.56 7.87
N VAL B 30 9.06 8.26 8.14
CA VAL B 30 7.72 7.74 7.93
C VAL B 30 7.24 8.57 6.71
N TYR B 31 7.18 7.91 5.54
CA TYR B 31 6.84 8.56 4.27
C TYR B 31 7.82 9.67 3.95
N ASP B 32 7.61 10.87 4.44
CA ASP B 32 8.42 11.99 3.97
C ASP B 32 9.19 12.79 4.99
N LYS B 33 9.20 12.38 6.24
CA LYS B 33 10.02 13.04 7.22
C LYS B 33 10.39 12.05 8.30
N PRO B 34 11.41 12.35 9.08
CA PRO B 34 11.88 11.41 10.12
C PRO B 34 10.84 11.15 11.17
N MET B 35 10.67 9.89 11.53
CA MET B 35 9.74 9.45 12.54
C MET B 35 9.69 10.39 13.73
N ILE B 36 10.84 10.74 14.26
CA ILE B 36 10.83 11.48 15.50
C ILE B 36 10.09 12.80 15.37
N TYR B 37 9.96 13.29 14.16
CA TYR B 37 9.16 14.50 13.93
C TYR B 37 7.75 14.36 14.47
N TYR B 38 7.16 13.19 14.28
CA TYR B 38 5.76 12.95 14.68
C TYR B 38 5.47 13.25 16.17
N PRO B 39 6.10 12.51 17.05
CA PRO B 39 5.95 12.76 18.49
C PRO B 39 6.41 14.13 18.83
N LEU B 40 7.44 14.59 18.13
CA LEU B 40 7.95 15.91 18.44
C LEU B 40 6.79 16.86 18.25
N SER B 41 6.06 16.70 17.16
CA SER B 41 4.95 17.59 16.87
C SER B 41 3.87 17.43 17.93
N THR B 42 3.71 16.24 18.43
CA THR B 42 2.68 16.02 19.43
C THR B 42 2.89 16.95 20.61
N LEU B 43 4.09 16.91 21.19
CA LEU B 43 4.43 17.78 22.31
C LEU B 43 4.25 19.23 21.92
N MET B 44 4.67 19.58 20.73
CA MET B 44 4.60 20.97 20.32
C MET B 44 3.10 21.36 20.37
N LEU B 45 2.24 20.49 19.85
CA LEU B 45 0.80 20.76 19.86
C LEU B 45 0.22 20.82 21.26
N ALA B 46 0.90 20.21 22.20
CA ALA B 46 0.47 20.31 23.57
C ALA B 46 0.95 21.62 24.17
N GLY B 47 1.64 22.44 23.38
CA GLY B 47 2.16 23.71 23.88
C GLY B 47 3.44 23.61 24.69
N ILE B 48 4.15 22.50 24.57
CA ILE B 48 5.40 22.27 25.26
C ILE B 48 6.55 22.72 24.39
N ARG B 49 7.41 23.57 24.90
CA ARG B 49 8.54 24.11 24.14
C ARG B 49 9.87 23.66 24.64
N GLU B 50 9.92 23.20 25.87
CA GLU B 50 11.16 22.74 26.42
C GLU B 50 11.15 21.21 26.41
N ILE B 51 12.10 20.61 25.70
CA ILE B 51 12.10 19.16 25.51
C ILE B 51 13.44 18.46 25.60
N LEU B 52 13.40 17.34 26.30
CA LEU B 52 14.54 16.49 26.45
C LEU B 52 14.37 15.31 25.53
N ILE B 53 15.33 15.10 24.64
CA ILE B 53 15.33 13.91 23.79
C ILE B 53 16.27 12.84 24.34
N ILE B 54 15.72 11.66 24.63
CA ILE B 54 16.50 10.58 25.19
C ILE B 54 16.78 9.55 24.14
N SER B 55 18.01 9.09 24.07
CA SER B 55 18.34 8.13 23.04
C SER B 55 19.52 7.27 23.36
N THR B 56 19.91 6.36 22.48
CA THR B 56 21.12 5.53 22.78
C THR B 56 22.33 6.45 22.76
N PRO B 57 23.37 6.06 23.46
CA PRO B 57 24.58 6.87 23.53
C PRO B 57 25.10 7.08 22.16
N GLN B 58 24.87 6.08 21.36
CA GLN B 58 25.51 6.04 20.07
C GLN B 58 24.86 6.95 19.07
N ASP B 59 23.55 7.14 19.20
CA ASP B 59 22.84 7.87 18.17
C ASP B 59 22.53 9.31 18.54
N THR B 60 22.75 9.68 19.80
CA THR B 60 22.47 11.05 20.19
C THR B 60 23.01 12.05 19.20
N PRO B 61 24.27 11.95 18.87
CA PRO B 61 24.91 12.87 17.95
C PRO B 61 24.10 13.14 16.73
N ARG B 62 23.55 12.08 16.18
CA ARG B 62 22.72 12.18 15.01
C ARG B 62 21.39 12.82 15.37
N PHE B 63 20.87 12.52 16.53
CA PHE B 63 19.62 13.14 16.86
C PHE B 63 19.89 14.63 16.93
N GLN B 64 20.98 14.99 17.59
CA GLN B 64 21.35 16.39 17.70
C GLN B 64 21.63 17.00 16.36
N GLN B 65 22.24 16.23 15.47
CA GLN B 65 22.54 16.76 14.16
C GLN B 65 21.25 17.17 13.48
N LEU B 66 20.21 16.42 13.77
CA LEU B 66 18.99 16.52 12.99
C LEU B 66 18.20 17.68 13.51
N LEU B 67 18.07 17.77 14.82
CA LEU B 67 17.17 18.73 15.46
C LEU B 67 17.79 19.96 16.10
N GLY B 68 19.10 20.00 16.23
CA GLY B 68 19.74 21.17 16.78
C GLY B 68 19.27 21.49 18.19
N ASP B 69 19.57 22.69 18.62
CA ASP B 69 19.21 23.07 19.98
C ASP B 69 17.75 23.47 20.07
N GLY B 70 17.09 23.59 18.93
CA GLY B 70 15.68 23.88 18.95
C GLY B 70 15.33 25.29 18.59
N SER B 71 16.34 26.15 18.64
CA SER B 71 16.07 27.57 18.48
C SER B 71 15.51 27.93 17.12
N ASN B 72 15.82 27.14 16.09
CA ASN B 72 15.33 27.48 14.78
C ASN B 72 13.83 27.32 14.71
N TRP B 73 13.28 26.50 15.61
CA TRP B 73 11.86 26.23 15.59
C TRP B 73 11.25 26.77 16.85
N GLY B 74 11.94 27.71 17.47
CA GLY B 74 11.40 28.28 18.68
C GLY B 74 11.37 27.34 19.87
N LEU B 75 11.98 26.17 19.74
CA LEU B 75 12.06 25.26 20.88
C LEU B 75 13.34 25.43 21.64
N ASP B 76 13.40 24.75 22.78
CA ASP B 76 14.61 24.58 23.55
C ASP B 76 14.82 23.08 23.77
N LEU B 77 15.62 22.46 22.89
CA LEU B 77 15.85 21.04 22.97
C LEU B 77 17.10 20.67 23.76
N GLN B 78 16.98 19.65 24.57
CA GLN B 78 18.16 19.10 25.20
C GLN B 78 18.23 17.62 25.08
N TYR B 79 19.34 17.07 25.50
CA TYR B 79 19.62 15.71 25.20
C TYR B 79 20.18 14.93 26.36
N ALA B 80 19.90 13.64 26.34
CA ALA B 80 20.39 12.76 27.34
C ALA B 80 20.39 11.41 26.70
N VAL B 81 20.93 10.45 27.44
CA VAL B 81 21.22 9.17 26.91
C VAL B 81 20.75 8.04 27.79
N GLN B 82 20.44 6.91 27.18
CA GLN B 82 20.02 5.72 27.90
C GLN B 82 20.88 4.59 27.43
N PRO B 83 21.89 4.22 28.21
CA PRO B 83 22.84 3.16 27.81
C PRO B 83 22.13 1.87 27.56
N SER B 84 21.01 1.65 28.24
CA SER B 84 20.30 0.38 28.18
C SER B 84 18.81 0.60 28.31
N PRO B 85 18.01 -0.12 27.54
CA PRO B 85 16.55 0.10 27.48
C PRO B 85 15.83 -0.56 28.61
N ASP B 86 16.00 -0.02 29.78
CA ASP B 86 15.53 -0.59 31.01
C ASP B 86 14.14 -0.16 31.45
N GLY B 87 13.34 0.40 30.55
CA GLY B 87 11.95 0.71 30.85
C GLY B 87 11.57 2.17 30.64
N LEU B 88 10.31 2.43 30.28
CA LEU B 88 9.82 3.80 30.11
C LEU B 88 9.99 4.61 31.36
N ALA B 89 9.77 3.99 32.51
CA ALA B 89 9.91 4.81 33.72
C ALA B 89 11.31 5.36 33.88
N GLN B 90 12.30 4.74 33.26
CA GLN B 90 13.66 5.22 33.42
C GLN B 90 13.79 6.66 32.96
N ALA B 91 12.92 7.03 32.04
CA ALA B 91 13.00 8.36 31.47
C ALA B 91 12.94 9.38 32.57
N PHE B 92 12.25 9.03 33.63
CA PHE B 92 12.13 9.99 34.71
C PHE B 92 13.33 10.07 35.61
N LEU B 93 14.11 8.98 35.72
CA LEU B 93 15.33 9.05 36.48
C LEU B 93 16.33 9.84 35.60
N ILE B 94 16.43 9.50 34.33
CA ILE B 94 17.40 10.18 33.47
C ILE B 94 17.04 11.64 33.31
N GLY B 95 15.74 11.92 33.48
CA GLY B 95 15.21 13.25 33.19
C GLY B 95 14.87 14.05 34.44
N GLU B 96 15.26 13.49 35.58
CA GLU B 96 15.02 14.13 36.85
C GLU B 96 15.48 15.57 36.87
N SER B 97 16.77 15.79 36.72
CA SER B 97 17.26 17.14 36.85
C SER B 97 16.74 18.02 35.74
N PHE B 98 16.40 17.44 34.58
CA PHE B 98 15.86 18.23 33.48
C PHE B 98 14.47 18.73 33.87
N ILE B 99 13.74 17.90 34.59
CA ILE B 99 12.37 18.20 34.95
C ILE B 99 12.30 19.20 36.10
N GLY B 100 13.16 19.00 37.08
CA GLY B 100 13.17 19.87 38.22
C GLY B 100 11.79 19.84 38.88
N ASN B 101 11.27 21.03 39.19
CA ASN B 101 9.98 21.12 39.83
C ASN B 101 8.82 21.46 38.91
N ASP B 102 8.89 21.03 37.67
CA ASP B 102 7.82 21.31 36.74
C ASP B 102 6.95 20.09 36.44
N LEU B 103 5.75 20.35 35.94
CA LEU B 103 4.90 19.30 35.42
C LEU B 103 5.63 18.73 34.21
N SER B 104 5.25 17.54 33.78
CA SER B 104 5.88 17.00 32.58
C SER B 104 5.02 16.07 31.74
N ALA B 105 5.61 15.69 30.63
CA ALA B 105 4.96 14.80 29.71
C ALA B 105 5.99 13.89 29.07
N LEU B 106 5.55 12.69 28.74
CA LEU B 106 6.44 11.71 28.12
C LEU B 106 5.78 11.20 26.86
N VAL B 107 6.52 11.08 25.80
CA VAL B 107 5.98 10.48 24.59
C VAL B 107 7.02 9.58 23.98
N LEU B 108 6.59 8.45 23.44
CA LEU B 108 7.51 7.50 22.81
C LEU B 108 7.91 8.03 21.46
N GLY B 109 9.13 7.78 21.07
CA GLY B 109 9.62 8.32 19.82
C GLY B 109 9.19 7.61 18.56
N ASP B 110 8.46 6.52 18.66
CA ASP B 110 8.04 5.86 17.43
C ASP B 110 6.54 5.76 17.41
N ASN B 111 5.92 6.62 18.20
CA ASN B 111 4.49 6.67 18.32
C ASN B 111 3.92 7.82 17.52
N LEU B 112 3.02 7.48 16.64
CA LEU B 112 2.42 8.43 15.76
C LEU B 112 0.91 8.62 16.04
N TYR B 113 0.48 9.87 16.33
CA TYR B 113 -0.93 10.19 16.64
C TYR B 113 -1.52 11.10 15.59
N TYR B 114 -2.78 10.87 15.20
CA TYR B 114 -3.41 11.81 14.28
C TYR B 114 -4.93 11.82 14.39
N GLY B 115 -5.49 13.02 14.33
CA GLY B 115 -6.94 13.17 14.39
C GLY B 115 -7.49 14.54 14.67
N HIS B 116 -8.77 14.65 14.40
CA HIS B 116 -9.55 15.85 14.57
C HIS B 116 -9.64 16.21 16.05
N ASP B 117 -9.29 17.46 16.34
CA ASP B 117 -9.29 18.00 17.68
C ASP B 117 -8.30 17.33 18.60
N PHE B 118 -7.31 16.69 18.01
CA PHE B 118 -6.25 16.10 18.83
C PHE B 118 -5.59 17.24 19.62
N HIS B 119 -5.53 18.40 19.02
CA HIS B 119 -4.89 19.53 19.66
C HIS B 119 -5.63 19.89 20.93
N GLU B 120 -6.96 19.84 20.89
CA GLU B 120 -7.71 20.24 22.05
C GLU B 120 -7.53 19.14 23.09
N LEU B 121 -7.50 17.91 22.62
CA LEU B 121 -7.28 16.81 23.51
C LEU B 121 -5.97 17.06 24.25
N LEU B 122 -4.93 17.37 23.51
CA LEU B 122 -3.65 17.67 24.15
C LEU B 122 -3.78 18.82 25.16
N GLY B 123 -4.35 19.92 24.72
CA GLY B 123 -4.48 21.08 25.56
C GLY B 123 -5.08 20.71 26.89
N SER B 124 -6.13 19.90 26.87
CA SER B 124 -6.83 19.66 28.12
C SER B 124 -5.91 18.98 29.09
N ALA B 125 -5.21 17.95 28.63
CA ALA B 125 -4.38 17.21 29.54
C ALA B 125 -3.24 18.11 29.96
N SER B 126 -2.71 18.87 29.03
CA SER B 126 -1.51 19.61 29.34
C SER B 126 -1.77 20.70 30.34
N GLN B 127 -2.99 21.20 30.36
CA GLN B 127 -3.30 22.31 31.23
C GLN B 127 -3.70 21.86 32.61
N ARG B 128 -3.89 20.55 32.80
CA ARG B 128 -4.26 20.05 34.12
C ARG B 128 -3.08 20.46 35.01
N GLN B 129 -3.33 20.78 36.27
CA GLN B 129 -2.20 21.06 37.16
C GLN B 129 -2.04 20.04 38.25
N THR B 130 -2.66 18.90 38.09
CA THR B 130 -2.46 17.87 39.07
C THR B 130 -2.74 16.48 38.52
N GLY B 131 -2.07 15.53 39.11
CA GLY B 131 -2.31 14.16 38.80
C GLY B 131 -1.62 13.78 37.53
N ALA B 132 -2.12 12.72 36.94
CA ALA B 132 -1.50 12.23 35.75
C ALA B 132 -2.60 12.01 34.77
N SER B 133 -2.30 12.18 33.48
CA SER B 133 -3.29 11.86 32.46
C SER B 133 -2.74 10.90 31.45
N VAL B 134 -3.52 9.87 31.12
CA VAL B 134 -3.15 8.94 30.04
C VAL B 134 -4.34 8.67 29.12
N PHE B 135 -4.08 8.01 28.01
CA PHE B 135 -5.11 7.74 27.04
C PHE B 135 -5.27 6.27 26.77
N ALA B 136 -6.51 5.84 26.60
CA ALA B 136 -6.82 4.47 26.34
C ALA B 136 -7.41 4.34 24.94
N TYR B 137 -7.00 3.32 24.19
CA TYR B 137 -7.40 3.22 22.78
C TYR B 137 -7.64 1.79 22.34
N HIS B 138 -8.80 1.55 21.74
CA HIS B 138 -9.18 0.20 21.31
C HIS B 138 -8.21 -0.36 20.25
N VAL B 139 -7.66 -1.56 20.52
CA VAL B 139 -6.70 -2.20 19.60
C VAL B 139 -6.97 -3.65 19.45
N LEU B 140 -6.28 -4.27 18.50
CA LEU B 140 -6.51 -5.66 18.17
C LEU B 140 -5.69 -6.50 19.13
N ASP B 141 -4.52 -5.98 19.51
CA ASP B 141 -3.66 -6.75 20.38
C ASP B 141 -3.26 -6.09 21.68
N PRO B 142 -4.24 -5.92 22.53
CA PRO B 142 -3.99 -5.29 23.80
C PRO B 142 -2.92 -6.04 24.56
N GLU B 143 -2.79 -7.35 24.35
CA GLU B 143 -1.84 -8.09 25.18
C GLU B 143 -0.41 -7.60 24.96
N ARG B 144 -0.21 -6.76 23.97
CA ARG B 144 1.11 -6.19 23.74
C ARG B 144 1.38 -4.98 24.59
N TYR B 145 0.36 -4.46 25.26
CA TYR B 145 0.47 -3.20 25.98
C TYR B 145 0.01 -3.25 27.43
N GLY B 146 0.09 -2.12 28.10
CA GLY B 146 -0.51 -2.01 29.39
C GLY B 146 -2.00 -1.89 29.12
N VAL B 147 -2.82 -2.74 29.71
CA VAL B 147 -4.26 -2.71 29.41
C VAL B 147 -5.05 -2.06 30.52
N VAL B 148 -6.15 -1.40 30.21
CA VAL B 148 -6.96 -0.84 31.29
C VAL B 148 -8.29 -1.58 31.43
N GLU B 149 -8.78 -1.68 32.66
CA GLU B 149 -10.06 -2.33 33.00
C GLU B 149 -11.04 -1.30 33.46
N PHE B 150 -12.25 -1.36 32.96
CA PHE B 150 -13.27 -0.38 33.32
C PHE B 150 -14.44 -1.01 34.09
N ASP B 151 -15.13 -0.19 34.88
CA ASP B 151 -16.34 -0.66 35.57
C ASP B 151 -17.54 -0.35 34.69
N GLN B 152 -18.72 -0.70 35.16
CA GLN B 152 -19.92 -0.56 34.34
C GLN B 152 -20.30 0.85 34.01
N GLY B 153 -19.69 1.80 34.70
CA GLY B 153 -19.88 3.21 34.42
C GLY B 153 -18.82 3.78 33.51
N GLY B 154 -17.83 2.95 33.15
CA GLY B 154 -16.79 3.40 32.22
C GLY B 154 -15.62 4.06 32.91
N LYS B 155 -15.54 3.90 34.21
CA LYS B 155 -14.45 4.46 34.99
C LYS B 155 -13.31 3.45 35.14
N ALA B 156 -12.09 3.88 34.81
CA ALA B 156 -10.92 3.02 34.98
C ALA B 156 -10.76 2.54 36.44
N ILE B 157 -10.47 1.24 36.64
CA ILE B 157 -10.30 0.64 37.98
C ILE B 157 -9.01 -0.22 38.15
N SER B 158 -8.40 -0.64 37.06
CA SER B 158 -7.15 -1.36 37.19
C SER B 158 -6.36 -1.37 35.88
N LEU B 159 -5.08 -1.74 35.99
CA LEU B 159 -4.20 -1.85 34.86
C LEU B 159 -3.38 -3.12 35.00
N GLU B 160 -3.09 -3.76 33.88
CA GLU B 160 -2.24 -4.94 33.81
C GLU B 160 -1.31 -4.69 32.62
N GLU B 161 -0.01 -4.93 32.78
CA GLU B 161 0.93 -4.80 31.67
C GLU B 161 1.17 -6.14 30.99
N LYS B 162 0.77 -6.27 29.74
CA LYS B 162 1.03 -7.49 28.97
C LYS B 162 0.42 -8.71 29.61
N PRO B 163 -0.86 -8.62 29.85
CA PRO B 163 -1.60 -9.70 30.47
C PRO B 163 -1.85 -10.82 29.50
N LEU B 164 -1.77 -12.02 30.03
CA LEU B 164 -2.02 -13.16 29.19
C LEU B 164 -3.41 -13.00 28.70
N GLU B 165 -4.31 -12.65 29.62
CA GLU B 165 -5.73 -12.55 29.26
C GLU B 165 -6.30 -11.20 29.54
N PRO B 166 -6.34 -10.40 28.52
CA PRO B 166 -6.72 -9.00 28.66
C PRO B 166 -8.13 -8.87 29.11
N LYS B 167 -8.34 -7.98 30.07
CA LYS B 167 -9.66 -7.67 30.58
C LYS B 167 -10.49 -6.77 29.64
N SER B 168 -9.81 -6.12 28.69
CA SER B 168 -10.47 -5.30 27.68
C SER B 168 -9.53 -5.12 26.51
N ASN B 169 -10.00 -4.48 25.47
CA ASN B 169 -9.19 -4.23 24.32
C ASN B 169 -8.63 -2.78 24.33
N TYR B 170 -8.76 -2.09 25.45
CA TYR B 170 -8.19 -0.75 25.56
C TYR B 170 -6.75 -0.76 26.04
N ALA B 171 -5.88 -0.28 25.17
CA ALA B 171 -4.46 -0.21 25.47
C ALA B 171 -4.11 1.22 25.90
N VAL B 172 -3.09 1.37 26.74
CA VAL B 172 -2.69 2.69 27.17
C VAL B 172 -1.65 3.13 26.19
N THR B 173 -1.91 4.21 25.47
CA THR B 173 -0.96 4.65 24.44
C THR B 173 0.28 5.25 25.05
N GLY B 174 1.27 5.50 24.23
CA GLY B 174 2.54 6.00 24.72
C GLY B 174 2.67 7.49 24.76
N LEU B 175 1.69 8.10 25.40
CA LEU B 175 1.69 9.53 25.60
C LEU B 175 1.29 9.71 27.06
N TYR B 176 2.05 10.45 27.85
CA TYR B 176 1.73 10.52 29.29
C TYR B 176 1.99 11.90 29.90
N PHE B 177 1.06 12.40 30.70
CA PHE B 177 1.19 13.69 31.35
C PHE B 177 1.23 13.51 32.85
N TYR B 178 2.26 14.06 33.49
CA TYR B 178 2.44 13.96 34.93
C TYR B 178 2.64 15.30 35.65
N ASP B 179 2.17 15.32 36.88
CA ASP B 179 2.39 16.41 37.80
C ASP B 179 3.74 16.10 38.48
N GLN B 180 4.08 16.74 39.61
CA GLN B 180 5.41 16.52 40.25
C GLN B 180 5.61 15.27 41.10
N GLN B 181 4.75 14.29 40.99
CA GLN B 181 4.91 13.10 41.80
C GLN B 181 5.70 11.98 41.09
N VAL B 182 5.87 12.12 39.78
CA VAL B 182 6.36 11.06 38.94
C VAL B 182 7.81 10.67 39.20
N VAL B 183 8.65 11.66 39.42
CA VAL B 183 10.01 11.35 39.68
C VAL B 183 10.11 10.45 40.92
N ASP B 184 9.58 10.92 42.04
CA ASP B 184 9.78 10.17 43.26
C ASP B 184 9.10 8.82 43.10
N ILE B 185 7.95 8.80 42.44
CA ILE B 185 7.31 7.51 42.21
C ILE B 185 8.28 6.63 41.40
N ALA B 186 8.91 7.20 40.38
CA ALA B 186 9.86 6.40 39.59
C ALA B 186 11.02 5.97 40.43
N ARG B 187 11.46 6.85 41.33
CA ARG B 187 12.63 6.54 42.14
C ARG B 187 12.41 5.29 43.00
N ASP B 188 11.17 5.03 43.40
CA ASP B 188 10.90 3.87 44.24
C ASP B 188 10.45 2.64 43.47
N LEU B 189 10.68 2.57 42.17
CA LEU B 189 10.23 1.38 41.46
C LEU B 189 11.23 0.30 41.48
N LYS B 190 10.72 -0.90 41.57
CA LYS B 190 11.61 -2.04 41.41
C LYS B 190 11.31 -2.71 40.07
N PRO B 191 12.35 -3.22 39.45
CA PRO B 191 12.26 -3.89 38.17
C PRO B 191 11.29 -5.05 38.21
N SER B 192 10.39 -5.12 37.22
CA SER B 192 9.52 -6.26 37.11
C SER B 192 10.33 -7.45 36.58
N PRO B 193 9.70 -8.62 36.56
CA PRO B 193 10.34 -9.86 36.08
C PRO B 193 11.01 -9.68 34.73
N ARG B 194 10.38 -8.85 33.93
CA ARG B 194 10.89 -8.47 32.63
C ARG B 194 12.21 -7.80 32.71
N GLY B 195 12.47 -7.16 33.83
CA GLY B 195 13.73 -6.48 34.02
C GLY B 195 13.70 -5.00 33.74
N GLU B 196 12.50 -4.43 33.65
CA GLU B 196 12.34 -3.00 33.39
C GLU B 196 11.51 -2.26 34.44
N LEU B 197 11.76 -0.96 34.57
CA LEU B 197 10.95 -0.10 35.38
C LEU B 197 9.74 0.24 34.53
N GLU B 198 8.55 -0.13 35.01
CA GLU B 198 7.33 -0.07 34.22
C GLU B 198 6.46 1.12 34.41
N ILE B 199 6.19 1.82 33.34
CA ILE B 199 5.30 2.95 33.39
C ILE B 199 3.95 2.52 33.87
N THR B 200 3.61 1.28 33.64
CA THR B 200 2.30 0.85 34.12
C THR B 200 2.37 0.99 35.63
N ASP B 201 3.48 0.62 36.24
CA ASP B 201 3.61 0.78 37.69
C ASP B 201 3.44 2.25 38.11
N VAL B 202 3.94 3.17 37.32
CA VAL B 202 3.72 4.57 37.64
C VAL B 202 2.25 4.90 37.54
N ASN B 203 1.65 4.49 36.43
CA ASN B 203 0.27 4.83 36.22
C ASN B 203 -0.58 4.26 37.34
N ARG B 204 -0.22 3.08 37.86
CA ARG B 204 -0.97 2.48 38.96
C ARG B 204 -0.83 3.32 40.23
N ALA B 205 0.38 3.82 40.47
CA ALA B 205 0.61 4.56 41.69
C ALA B 205 -0.37 5.69 41.72
N TYR B 206 -0.52 6.39 40.61
CA TYR B 206 -1.44 7.49 40.58
C TYR B 206 -2.82 6.92 40.73
N LEU B 207 -3.11 5.83 40.05
CA LEU B 207 -4.47 5.31 40.12
C LEU B 207 -4.85 4.96 41.54
N GLU B 208 -3.95 4.36 42.30
CA GLU B 208 -4.27 4.00 43.69
C GLU B 208 -4.66 5.21 44.63
N ARG B 209 -4.21 6.42 44.33
CA ARG B 209 -4.74 7.61 45.03
C ARG B 209 -5.81 8.37 44.33
N GLY B 210 -6.41 7.80 43.32
CA GLY B 210 -7.55 8.47 42.70
C GLY B 210 -7.12 9.68 41.93
N GLN B 211 -5.89 9.64 41.45
CA GLN B 211 -5.30 10.76 40.77
C GLN B 211 -4.81 10.42 39.37
N LEU B 212 -5.24 9.27 38.87
CA LEU B 212 -4.98 8.90 37.47
C LEU B 212 -6.21 9.21 36.69
N SER B 213 -6.08 9.99 35.62
CA SER B 213 -7.18 10.26 34.72
C SER B 213 -7.02 9.57 33.38
N VAL B 214 -7.91 8.65 33.08
CA VAL B 214 -7.80 7.88 31.86
C VAL B 214 -8.81 8.35 30.87
N GLU B 215 -8.38 8.97 29.77
CA GLU B 215 -9.31 9.45 28.76
C GLU B 215 -9.31 8.49 27.59
N ILE B 216 -10.50 8.04 27.22
CA ILE B 216 -10.66 7.27 26.04
C ILE B 216 -10.34 8.08 24.78
N MET B 217 -9.47 7.53 23.94
CA MET B 217 -9.13 8.12 22.67
C MET B 217 -9.88 7.34 21.62
N GLY B 218 -10.90 7.95 21.04
CA GLY B 218 -11.79 7.23 20.14
C GLY B 218 -11.29 6.74 18.81
N ARG B 219 -12.07 5.82 18.26
CA ARG B 219 -11.74 5.17 17.03
C ARG B 219 -11.55 6.17 15.89
N GLY B 220 -11.95 7.40 16.13
CA GLY B 220 -11.76 8.45 15.13
C GLY B 220 -10.33 8.90 15.02
N TYR B 221 -9.57 8.76 16.10
CA TYR B 221 -8.18 9.12 16.08
C TYR B 221 -7.39 7.95 15.56
N ALA B 222 -6.15 8.22 15.18
CA ALA B 222 -5.21 7.22 14.77
C ALA B 222 -4.06 7.24 15.76
N TRP B 223 -3.79 6.07 16.34
CA TRP B 223 -2.63 5.83 17.18
C TRP B 223 -1.92 4.70 16.49
N LEU B 224 -0.83 5.01 15.81
CA LEU B 224 -0.05 4.00 15.13
C LEU B 224 1.33 3.89 15.74
N ASP B 225 1.81 2.68 15.89
CA ASP B 225 3.17 2.59 16.37
C ASP B 225 3.90 1.80 15.31
N THR B 226 5.11 2.20 15.07
CA THR B 226 5.80 1.64 13.95
C THR B 226 6.70 0.62 14.53
N GLY B 227 6.07 -0.40 15.09
CA GLY B 227 6.82 -1.43 15.79
C GLY B 227 7.12 -2.66 14.93
N THR B 228 6.61 -2.71 13.72
CA THR B 228 7.01 -3.79 12.87
C THR B 228 7.15 -3.30 11.48
N HIS B 229 7.91 -4.03 10.70
CA HIS B 229 8.08 -3.69 9.33
C HIS B 229 6.71 -3.36 8.73
N ASP B 230 5.70 -4.18 9.00
CA ASP B 230 4.45 -4.02 8.29
C ASP B 230 3.82 -2.71 8.71
N SER B 231 3.88 -2.46 10.00
CA SER B 231 3.19 -1.30 10.52
C SER B 231 3.95 -0.02 10.14
N LEU B 232 5.28 -0.10 10.10
CA LEU B 232 6.09 1.01 9.65
C LEU B 232 5.68 1.39 8.21
N LEU B 233 5.42 0.40 7.39
CA LEU B 233 4.92 0.59 6.05
C LEU B 233 3.60 1.29 6.10
N GLU B 234 2.64 0.72 6.81
CA GLU B 234 1.28 1.21 6.82
C GLU B 234 1.29 2.65 7.24
N ALA B 235 2.10 2.92 8.21
CA ALA B 235 2.09 4.25 8.73
C ALA B 235 2.53 5.18 7.64
N GLY B 236 3.50 4.75 6.85
CA GLY B 236 4.03 5.60 5.82
C GLY B 236 2.90 5.89 4.86
N GLN B 237 2.16 4.84 4.62
CA GLN B 237 1.08 4.91 3.68
C GLN B 237 -0.05 5.79 4.11
N PHE B 238 -0.30 5.79 5.41
CA PHE B 238 -1.42 6.48 5.98
C PHE B 238 -1.13 7.90 5.70
N ILE B 239 0.04 8.31 6.16
CA ILE B 239 0.47 9.69 5.99
C ILE B 239 0.49 10.12 4.51
N ALA B 240 1.02 9.29 3.64
CA ALA B 240 1.10 9.73 2.26
C ALA B 240 -0.32 10.00 1.79
N THR B 241 -1.24 9.13 2.17
CA THR B 241 -2.61 9.26 1.71
C THR B 241 -3.23 10.57 2.18
N LEU B 242 -3.04 10.93 3.44
CA LEU B 242 -3.58 12.20 3.91
C LEU B 242 -2.91 13.33 3.18
N GLU B 243 -1.59 13.28 3.13
CA GLU B 243 -0.81 14.37 2.53
C GLU B 243 -1.14 14.66 1.08
N ASN B 244 -1.26 13.65 0.24
CA ASN B 244 -1.53 13.88 -1.17
C ASN B 244 -2.96 14.24 -1.49
N ARG B 245 -3.88 14.02 -0.55
CA ARG B 245 -5.25 14.42 -0.77
C ARG B 245 -5.40 15.90 -0.39
N GLN B 246 -4.86 16.24 0.76
CA GLN B 246 -5.04 17.55 1.37
C GLN B 246 -4.18 18.62 0.83
N GLY B 247 -2.96 18.28 0.45
CA GLY B 247 -1.99 19.30 0.12
C GLY B 247 -1.50 19.99 1.38
N LEU B 248 -1.57 19.29 2.51
CA LEU B 248 -1.05 19.76 3.79
C LEU B 248 -0.17 18.64 4.30
N LYS B 249 0.79 18.93 5.15
CA LYS B 249 1.65 17.86 5.59
C LYS B 249 1.46 17.63 7.07
N VAL B 250 1.66 16.42 7.52
CA VAL B 250 1.53 16.12 8.92
C VAL B 250 2.88 16.19 9.63
N ALA B 251 2.86 16.72 10.84
CA ALA B 251 4.01 16.74 11.74
C ALA B 251 5.16 17.46 11.11
N CYS B 252 4.90 18.67 10.73
CA CYS B 252 5.91 19.45 10.08
C CYS B 252 6.18 20.60 11.05
N PRO B 253 7.21 20.45 11.86
CA PRO B 253 7.50 21.35 12.98
C PRO B 253 7.57 22.80 12.61
N GLU B 254 8.10 23.08 11.43
CA GLU B 254 8.20 24.47 11.01
C GLU B 254 6.79 25.04 11.05
N GLU B 255 5.83 24.33 10.50
CA GLU B 255 4.47 24.85 10.45
C GLU B 255 3.89 25.07 11.83
N ILE B 256 4.11 24.10 12.69
CA ILE B 256 3.44 24.16 13.98
C ILE B 256 3.96 25.33 14.77
N ALA B 257 5.28 25.47 14.80
CA ALA B 257 5.87 26.62 15.44
C ALA B 257 5.30 27.92 14.84
N TYR B 258 5.23 28.00 13.53
CA TYR B 258 4.76 29.21 12.89
C TYR B 258 3.30 29.47 13.25
N ARG B 259 2.52 28.42 13.40
CA ARG B 259 1.11 28.61 13.71
C ARG B 259 0.96 29.07 15.13
N GLN B 260 1.79 28.53 16.01
CA GLN B 260 1.79 28.93 17.41
C GLN B 260 2.55 30.20 17.70
N LYS B 261 3.01 30.87 16.66
CA LYS B 261 3.71 32.15 16.82
C LYS B 261 5.03 32.00 17.58
N TRP B 262 5.55 30.79 17.70
CA TRP B 262 6.89 30.59 18.25
C TRP B 262 8.04 30.97 17.29
N ILE B 263 7.74 31.11 15.99
CA ILE B 263 8.68 31.70 15.03
C ILE B 263 7.83 32.58 14.15
N ASP B 264 8.44 33.61 13.56
CA ASP B 264 7.69 34.57 12.77
C ASP B 264 7.96 34.31 11.29
N ALA B 265 7.24 35.03 10.44
CA ALA B 265 7.33 34.77 9.01
C ALA B 265 8.72 34.85 8.50
N ALA B 266 9.48 35.77 9.05
CA ALA B 266 10.82 35.92 8.50
C ALA B 266 11.55 34.62 8.77
N GLN B 267 11.40 34.11 9.97
CA GLN B 267 12.14 32.91 10.34
C GLN B 267 11.67 31.76 9.43
N LEU B 268 10.37 31.67 9.21
CA LEU B 268 9.89 30.58 8.41
C LEU B 268 10.53 30.65 7.02
N GLU B 269 10.59 31.84 6.42
CA GLU B 269 11.15 31.93 5.07
C GLU B 269 12.52 31.32 5.10
N LYS B 270 13.29 31.79 6.07
CA LYS B 270 14.68 31.42 6.22
C LYS B 270 14.85 29.90 6.33
N LEU B 271 13.92 29.24 7.02
CA LEU B 271 13.99 27.79 7.17
C LEU B 271 13.74 27.05 5.89
N ALA B 272 13.07 27.72 4.96
CA ALA B 272 12.64 27.11 3.73
C ALA B 272 13.68 27.22 2.63
N ALA B 273 14.42 28.30 2.61
CA ALA B 273 15.45 28.50 1.61
C ALA B 273 16.17 27.18 1.31
N PRO B 274 16.82 26.63 2.31
CA PRO B 274 17.70 25.48 2.07
C PRO B 274 16.94 24.32 1.44
N LEU B 275 15.63 24.21 1.77
CA LEU B 275 14.78 23.14 1.23
C LEU B 275 13.95 23.55 -0.01
N ALA B 276 14.24 24.72 -0.59
CA ALA B 276 13.44 25.25 -1.71
C ALA B 276 13.32 24.34 -2.93
N LYS B 277 14.39 23.62 -3.27
CA LYS B 277 14.37 22.71 -4.42
C LYS B 277 13.46 21.51 -4.26
N ASN B 278 12.83 21.33 -3.12
CA ASN B 278 11.92 20.18 -2.99
C ASN B 278 10.53 20.48 -2.42
N GLY B 279 9.71 19.45 -2.34
CA GLY B 279 8.33 19.62 -1.90
C GLY B 279 8.27 20.27 -0.53
N TYR B 280 9.06 19.74 0.37
CA TYR B 280 8.97 20.18 1.74
C TYR B 280 9.21 21.68 1.79
N GLY B 281 10.23 22.13 1.09
CA GLY B 281 10.56 23.54 1.12
C GLY B 281 9.43 24.36 0.53
N GLN B 282 8.97 23.90 -0.62
CA GLN B 282 7.94 24.58 -1.35
C GLN B 282 6.71 24.74 -0.46
N TYR B 283 6.38 23.69 0.26
CA TYR B 283 5.26 23.74 1.20
C TYR B 283 5.49 24.86 2.20
N LEU B 284 6.62 24.83 2.89
CA LEU B 284 6.89 25.91 3.84
C LEU B 284 6.65 27.26 3.19
N LYS B 285 7.17 27.47 1.98
CA LYS B 285 6.99 28.79 1.37
C LYS B 285 5.55 29.09 1.26
N ARG B 286 4.79 28.09 0.82
CA ARG B 286 3.42 28.35 0.48
C ARG B 286 2.67 28.74 1.73
N LEU B 287 3.09 28.23 2.87
CA LEU B 287 2.41 28.57 4.10
C LEU B 287 2.44 30.04 4.37
N LEU B 288 3.40 30.76 3.82
CA LEU B 288 3.50 32.19 4.12
C LEU B 288 2.39 32.99 3.52
N THR B 289 1.68 32.44 2.54
CA THR B 289 0.67 33.23 1.85
C THR B 289 -0.62 32.50 1.58
N GLU B 290 -1.03 31.64 2.50
CA GLU B 290 -2.27 30.92 2.33
C GLU B 290 -2.85 30.80 3.68
N THR B 291 -4.10 31.17 3.78
CA THR B 291 -4.74 30.99 5.04
C THR B 291 -5.13 29.50 5.08
N VAL B 292 -4.71 28.84 6.14
CA VAL B 292 -5.09 27.48 6.40
C VAL B 292 -5.82 27.37 7.73
N TYR B 293 -7.10 27.04 7.68
CA TYR B 293 -7.88 26.90 8.90
C TYR B 293 -7.54 25.63 9.68
N LYS C 2 -3.76 -29.06 -30.77
CA LYS C 2 -4.82 -28.00 -30.56
C LYS C 2 -5.40 -28.03 -29.16
N ARG C 3 -4.93 -27.14 -28.32
CA ARG C 3 -5.45 -27.05 -26.98
C ARG C 3 -6.49 -26.02 -26.71
N LYS C 4 -7.54 -26.47 -26.04
CA LYS C 4 -8.65 -25.62 -25.62
C LYS C 4 -8.46 -25.26 -24.18
N GLY C 5 -9.03 -24.15 -23.79
CA GLY C 5 -8.90 -23.77 -22.40
C GLY C 5 -10.17 -23.54 -21.66
N ILE C 6 -10.08 -23.73 -20.36
CA ILE C 6 -11.17 -23.41 -19.48
C ILE C 6 -10.71 -22.43 -18.40
N ILE C 7 -11.58 -21.47 -18.09
CA ILE C 7 -11.38 -20.64 -16.92
C ILE C 7 -12.51 -20.98 -16.00
N LEU C 8 -12.20 -21.41 -14.77
CA LEU C 8 -13.23 -21.77 -13.80
C LEU C 8 -13.45 -20.60 -12.88
N ALA C 9 -14.49 -19.81 -13.17
CA ALA C 9 -14.77 -18.57 -12.42
C ALA C 9 -16.08 -18.58 -11.70
N GLY C 10 -16.31 -19.61 -10.93
CA GLY C 10 -17.54 -19.70 -10.19
C GLY C 10 -17.09 -19.61 -8.76
N GLY C 11 -17.58 -20.54 -7.95
CA GLY C 11 -17.24 -20.59 -6.56
C GLY C 11 -18.26 -19.78 -5.84
N SER C 12 -18.47 -20.05 -4.57
CA SER C 12 -19.21 -19.09 -3.78
C SER C 12 -18.14 -18.01 -3.61
N GLY C 13 -18.29 -17.26 -2.55
CA GLY C 13 -17.28 -16.31 -2.17
C GLY C 13 -17.60 -16.05 -0.71
N THR C 14 -18.23 -17.02 -0.04
CA THR C 14 -18.77 -16.70 1.27
C THR C 14 -17.75 -15.98 2.06
N ARG C 15 -16.54 -16.46 2.02
CA ARG C 15 -15.48 -15.78 2.73
C ARG C 15 -15.66 -14.27 2.60
N LEU C 16 -15.06 -13.72 1.54
CA LEU C 16 -14.98 -12.29 1.21
C LEU C 16 -16.30 -11.54 1.19
N HIS C 17 -17.41 -12.24 1.50
CA HIS C 17 -18.54 -11.39 1.86
C HIS C 17 -18.23 -10.35 2.88
N PRO C 18 -18.89 -9.24 2.91
CA PRO C 18 -19.97 -8.91 1.99
C PRO C 18 -19.47 -8.21 0.75
N ALA C 19 -18.19 -7.95 0.67
CA ALA C 19 -17.62 -7.31 -0.52
C ALA C 19 -18.07 -8.00 -1.81
N THR C 20 -18.19 -9.33 -1.79
CA THR C 20 -18.64 -10.09 -2.95
C THR C 20 -20.08 -10.52 -2.94
N LEU C 21 -20.97 -9.76 -2.34
CA LEU C 21 -22.35 -10.18 -2.35
C LEU C 21 -23.07 -9.63 -3.57
N ALA C 22 -22.55 -8.55 -4.13
CA ALA C 22 -23.25 -7.96 -5.25
C ALA C 22 -22.74 -8.53 -6.55
N ILE C 23 -21.63 -9.25 -6.48
CA ILE C 23 -20.98 -9.64 -7.70
C ILE C 23 -19.81 -10.58 -7.46
N SER C 24 -19.70 -11.62 -8.28
CA SER C 24 -18.61 -12.58 -8.15
C SER C 24 -17.29 -11.84 -8.11
N LYS C 25 -16.40 -12.45 -7.37
CA LYS C 25 -15.07 -11.96 -7.16
C LYS C 25 -14.31 -11.68 -8.43
N GLN C 26 -14.49 -12.54 -9.42
CA GLN C 26 -13.61 -12.51 -10.60
C GLN C 26 -13.91 -11.34 -11.49
N LEU C 27 -15.04 -10.69 -11.25
CA LEU C 27 -15.42 -9.48 -11.96
C LEU C 27 -15.01 -8.25 -11.21
N LEU C 28 -14.41 -8.42 -10.04
CA LEU C 28 -13.90 -7.26 -9.31
C LEU C 28 -12.55 -6.94 -9.89
N PRO C 29 -12.19 -5.70 -9.84
CA PRO C 29 -10.93 -5.24 -10.41
C PRO C 29 -9.72 -5.53 -9.56
N VAL C 30 -8.62 -5.87 -10.20
CA VAL C 30 -7.34 -5.89 -9.54
C VAL C 30 -6.66 -4.62 -10.07
N TYR C 31 -6.68 -3.57 -9.28
CA TYR C 31 -6.16 -2.28 -9.67
C TYR C 31 -6.95 -1.62 -10.78
N ASP C 32 -6.65 -1.95 -12.02
CA ASP C 32 -7.28 -1.22 -13.12
C ASP C 32 -8.09 -2.02 -14.10
N LYS C 33 -8.29 -3.30 -13.84
CA LYS C 33 -9.06 -4.10 -14.76
C LYS C 33 -9.61 -5.34 -14.06
N PRO C 34 -10.66 -5.89 -14.60
CA PRO C 34 -11.35 -7.00 -13.95
C PRO C 34 -10.43 -8.17 -13.73
N MET C 35 -10.61 -8.86 -12.62
CA MET C 35 -9.75 -9.94 -12.23
C MET C 35 -9.63 -10.99 -13.34
N ILE C 36 -10.76 -11.37 -13.92
CA ILE C 36 -10.73 -12.45 -14.87
C ILE C 36 -9.77 -12.15 -16.02
N TYR C 37 -9.50 -10.87 -16.27
CA TYR C 37 -8.58 -10.55 -17.36
C TYR C 37 -7.25 -11.24 -17.19
N TYR C 38 -6.79 -11.29 -15.96
CA TYR C 38 -5.48 -11.82 -15.75
C TYR C 38 -5.40 -13.26 -16.27
N PRO C 39 -6.14 -14.18 -15.65
CA PRO C 39 -6.09 -15.56 -16.09
C PRO C 39 -6.45 -15.67 -17.54
N LEU C 40 -7.31 -14.82 -18.02
CA LEU C 40 -7.64 -14.83 -19.45
C LEU C 40 -6.36 -14.62 -20.23
N SER C 41 -5.60 -13.65 -19.80
CA SER C 41 -4.35 -13.33 -20.48
C SER C 41 -3.32 -14.45 -20.38
N THR C 42 -3.44 -15.27 -19.31
CA THR C 42 -2.52 -16.39 -19.13
C THR C 42 -2.77 -17.42 -20.21
N LEU C 43 -4.05 -17.78 -20.44
CA LEU C 43 -4.36 -18.71 -21.53
C LEU C 43 -3.95 -18.14 -22.88
N MET C 44 -4.30 -16.88 -23.14
CA MET C 44 -3.90 -16.23 -24.39
C MET C 44 -2.39 -16.44 -24.62
N LEU C 45 -1.58 -16.15 -23.60
CA LEU C 45 -0.13 -16.30 -23.67
C LEU C 45 0.26 -17.75 -23.88
N ALA C 46 -0.59 -18.66 -23.46
CA ALA C 46 -0.32 -20.07 -23.73
C ALA C 46 -0.61 -20.42 -25.20
N GLY C 47 -1.08 -19.46 -25.98
CA GLY C 47 -1.41 -19.75 -27.37
C GLY C 47 -2.81 -20.32 -27.55
N ILE C 48 -3.63 -20.25 -26.50
CA ILE C 48 -4.98 -20.77 -26.55
C ILE C 48 -5.99 -19.69 -26.92
N ARG C 49 -6.85 -19.97 -27.89
CA ARG C 49 -7.79 -18.99 -28.44
C ARG C 49 -9.23 -19.37 -28.21
N GLU C 50 -9.48 -20.66 -27.96
CA GLU C 50 -10.83 -21.14 -27.81
C GLU C 50 -11.03 -21.45 -26.33
N ILE C 51 -11.92 -20.73 -25.67
CA ILE C 51 -11.99 -20.80 -24.22
C ILE C 51 -13.38 -20.82 -23.66
N LEU C 52 -13.55 -21.70 -22.68
CA LEU C 52 -14.85 -21.90 -22.02
C LEU C 52 -14.83 -21.28 -20.63
N ILE C 53 -15.70 -20.30 -20.41
CA ILE C 53 -15.81 -19.66 -19.11
C ILE C 53 -16.97 -20.23 -18.31
N ILE C 54 -16.62 -20.86 -17.18
CA ILE C 54 -17.59 -21.51 -16.32
C ILE C 54 -17.78 -20.67 -15.08
N SER C 55 -19.03 -20.53 -14.63
CA SER C 55 -19.26 -19.66 -13.48
C SER C 55 -20.60 -20.00 -12.82
N THR C 56 -21.03 -19.22 -11.85
CA THR C 56 -22.36 -19.49 -11.31
C THR C 56 -23.43 -19.08 -12.32
N PRO C 57 -24.58 -19.73 -12.21
CA PRO C 57 -25.73 -19.45 -13.07
C PRO C 57 -26.10 -18.02 -13.09
N GLN C 58 -25.91 -17.45 -11.96
CA GLN C 58 -26.34 -16.09 -11.79
C GLN C 58 -25.38 -15.07 -12.38
N ASP C 59 -24.10 -15.41 -12.50
CA ASP C 59 -23.14 -14.42 -13.00
C ASP C 59 -22.65 -14.60 -14.42
N THR C 60 -23.09 -15.65 -15.06
CA THR C 60 -22.75 -15.84 -16.45
C THR C 60 -23.05 -14.62 -17.26
N PRO C 61 -24.28 -14.21 -17.23
CA PRO C 61 -24.66 -13.06 -18.02
C PRO C 61 -23.61 -11.99 -17.87
N ARG C 62 -23.25 -11.71 -16.64
CA ARG C 62 -22.32 -10.62 -16.38
C ARG C 62 -20.97 -10.92 -17.00
N PHE C 63 -20.53 -12.16 -16.86
CA PHE C 63 -19.28 -12.49 -17.50
C PHE C 63 -19.38 -12.17 -18.98
N GLN C 64 -20.45 -12.64 -19.61
CA GLN C 64 -20.67 -12.41 -21.03
C GLN C 64 -20.79 -10.97 -21.36
N GLN C 65 -21.46 -10.25 -20.49
CA GLN C 65 -21.63 -8.84 -20.78
C GLN C 65 -20.26 -8.28 -20.97
N LEU C 66 -19.37 -8.70 -20.08
CA LEU C 66 -18.03 -8.18 -20.03
C LEU C 66 -17.13 -8.63 -21.19
N LEU C 67 -17.13 -9.92 -21.51
CA LEU C 67 -16.19 -10.45 -22.48
C LEU C 67 -16.72 -10.76 -23.88
N GLY C 68 -18.05 -10.82 -24.01
CA GLY C 68 -18.64 -11.06 -25.33
C GLY C 68 -18.21 -12.40 -25.89
N ASP C 69 -18.28 -12.56 -27.19
CA ASP C 69 -17.92 -13.85 -27.77
C ASP C 69 -16.42 -14.00 -28.00
N GLY C 70 -15.67 -12.95 -27.75
CA GLY C 70 -14.22 -13.01 -27.97
C GLY C 70 -13.69 -12.50 -29.31
N SER C 71 -14.50 -12.57 -30.35
CA SER C 71 -14.06 -12.15 -31.68
C SER C 71 -13.31 -10.81 -31.73
N ASN C 72 -13.69 -9.88 -30.87
CA ASN C 72 -13.06 -8.57 -30.93
C ASN C 72 -11.57 -8.69 -30.55
N TRP C 73 -11.24 -9.72 -29.79
CA TRP C 73 -9.86 -9.95 -29.41
C TRP C 73 -9.27 -11.14 -30.08
N GLY C 74 -9.85 -11.56 -31.20
CA GLY C 74 -9.37 -12.75 -31.87
C GLY C 74 -9.68 -14.08 -31.17
N LEU C 75 -10.63 -14.08 -30.25
CA LEU C 75 -10.91 -15.28 -29.50
C LEU C 75 -12.26 -15.85 -29.81
N ASP C 76 -12.47 -17.07 -29.34
CA ASP C 76 -13.74 -17.75 -29.42
C ASP C 76 -14.12 -18.15 -28.01
N LEU C 77 -14.88 -17.31 -27.34
CA LEU C 77 -15.28 -17.61 -25.97
C LEU C 77 -16.64 -18.23 -25.93
N GLN C 78 -16.76 -19.22 -25.06
CA GLN C 78 -18.03 -19.82 -24.75
C GLN C 78 -18.28 -19.87 -23.29
N TYR C 79 -19.51 -20.18 -22.94
CA TYR C 79 -19.95 -20.11 -21.57
C TYR C 79 -20.72 -21.31 -21.12
N ALA C 80 -20.56 -21.60 -19.84
CA ALA C 80 -21.22 -22.73 -19.22
C ALA C 80 -21.38 -22.37 -17.79
N VAL C 81 -22.22 -23.13 -17.14
CA VAL C 81 -22.64 -22.85 -15.81
C VAL C 81 -22.40 -23.96 -14.83
N GLN C 82 -22.01 -23.58 -13.60
CA GLN C 82 -21.82 -24.53 -12.52
C GLN C 82 -22.74 -24.13 -11.38
N PRO C 83 -23.83 -24.86 -11.21
CA PRO C 83 -24.84 -24.58 -10.19
C PRO C 83 -24.32 -24.64 -8.78
N SER C 84 -23.33 -25.51 -8.55
CA SER C 84 -22.77 -25.74 -7.21
C SER C 84 -21.25 -25.93 -7.27
N PRO C 85 -20.53 -25.33 -6.34
CA PRO C 85 -19.06 -25.36 -6.38
C PRO C 85 -18.55 -26.69 -5.87
N ASP C 86 -18.72 -27.74 -6.67
CA ASP C 86 -18.44 -29.07 -6.18
C ASP C 86 -17.03 -29.61 -6.51
N GLY C 87 -16.11 -28.77 -6.97
CA GLY C 87 -14.74 -29.21 -7.17
C GLY C 87 -14.10 -28.86 -8.50
N LEU C 88 -12.83 -28.42 -8.48
CA LEU C 88 -12.20 -28.04 -9.74
C LEU C 88 -12.46 -29.09 -10.81
N ALA C 89 -12.32 -30.35 -10.44
CA ALA C 89 -12.44 -31.42 -11.43
C ALA C 89 -13.76 -31.41 -12.13
N GLN C 90 -14.77 -30.81 -11.51
CA GLN C 90 -16.06 -30.77 -12.17
C GLN C 90 -15.91 -30.03 -13.49
N ALA C 91 -14.99 -29.08 -13.52
CA ALA C 91 -14.84 -28.29 -14.72
C ALA C 91 -14.79 -29.22 -15.92
N PHE C 92 -14.13 -30.36 -15.79
CA PHE C 92 -14.03 -31.28 -16.91
C PHE C 92 -15.32 -31.99 -17.24
N LEU C 93 -16.17 -32.26 -16.25
CA LEU C 93 -17.44 -32.89 -16.58
C LEU C 93 -18.27 -31.86 -17.31
N ILE C 94 -18.35 -30.66 -16.76
CA ILE C 94 -19.15 -29.62 -17.39
C ILE C 94 -18.61 -29.28 -18.77
N GLY C 95 -17.30 -29.42 -18.95
CA GLY C 95 -16.62 -28.98 -20.16
C GLY C 95 -16.35 -30.07 -21.15
N GLU C 96 -16.89 -31.23 -20.86
CA GLU C 96 -16.59 -32.43 -21.64
C GLU C 96 -16.82 -32.27 -23.14
N SER C 97 -18.00 -31.80 -23.51
CA SER C 97 -18.32 -31.72 -24.93
C SER C 97 -17.59 -30.53 -25.55
N PHE C 98 -17.29 -29.52 -24.75
CA PHE C 98 -16.53 -28.40 -25.25
C PHE C 98 -15.15 -28.88 -25.63
N ILE C 99 -14.59 -29.75 -24.80
CA ILE C 99 -13.25 -30.22 -25.01
C ILE C 99 -13.17 -31.16 -26.18
N GLY C 100 -14.14 -32.04 -26.29
CA GLY C 100 -14.17 -33.03 -27.33
C GLY C 100 -12.91 -33.87 -27.26
N ASN C 101 -12.22 -34.01 -28.38
CA ASN C 101 -10.98 -34.79 -28.41
C ASN C 101 -9.67 -34.02 -28.36
N ASP C 102 -9.71 -32.80 -27.81
CA ASP C 102 -8.53 -31.96 -27.80
C ASP C 102 -7.80 -31.95 -26.49
N LEU C 103 -6.59 -31.43 -26.54
CA LEU C 103 -5.80 -31.25 -25.35
C LEU C 103 -6.50 -30.11 -24.65
N SER C 104 -6.23 -29.89 -23.38
CA SER C 104 -6.87 -28.75 -22.74
C SER C 104 -6.06 -28.15 -21.62
N ALA C 105 -6.62 -27.10 -21.04
CA ALA C 105 -5.97 -26.39 -19.96
C ALA C 105 -7.00 -25.77 -19.04
N LEU C 106 -6.72 -25.78 -17.75
CA LEU C 106 -7.62 -25.21 -16.78
C LEU C 106 -6.91 -24.12 -15.99
N VAL C 107 -7.55 -22.99 -15.78
CA VAL C 107 -6.94 -21.96 -14.95
C VAL C 107 -8.01 -21.40 -14.05
N LEU C 108 -7.66 -21.03 -12.82
CA LEU C 108 -8.63 -20.46 -11.90
C LEU C 108 -8.84 -18.97 -12.22
N GLY C 109 -10.08 -18.54 -12.15
CA GLY C 109 -10.42 -17.19 -12.49
C GLY C 109 -9.92 -16.14 -11.52
N ASP C 110 -9.43 -16.52 -10.35
CA ASP C 110 -8.94 -15.51 -9.41
C ASP C 110 -7.45 -15.63 -9.21
N ASN C 111 -6.81 -16.43 -10.05
CA ASN C 111 -5.40 -16.68 -9.98
C ASN C 111 -4.64 -15.79 -10.88
N LEU C 112 -3.70 -15.08 -10.30
CA LEU C 112 -2.92 -14.09 -11.00
C LEU C 112 -1.44 -14.44 -11.01
N TYR C 113 -0.90 -14.64 -12.23
CA TYR C 113 0.48 -15.01 -12.47
C TYR C 113 1.25 -13.89 -13.15
N TYR C 114 2.51 -13.68 -12.76
CA TYR C 114 3.36 -12.71 -13.45
C TYR C 114 4.85 -12.93 -13.34
N GLY C 115 5.54 -12.78 -14.47
CA GLY C 115 6.99 -12.92 -14.49
C GLY C 115 7.68 -13.04 -15.83
N HIS C 116 8.99 -12.86 -15.78
CA HIS C 116 9.88 -12.95 -16.92
C HIS C 116 9.94 -14.34 -17.52
N ASP C 117 9.65 -14.41 -18.80
CA ASP C 117 9.65 -15.67 -19.53
C ASP C 117 8.52 -16.57 -19.07
N PHE C 118 7.49 -15.97 -18.53
CA PHE C 118 6.32 -16.74 -18.18
C PHE C 118 5.75 -17.27 -19.48
N HIS C 119 6.01 -16.53 -20.56
CA HIS C 119 5.40 -16.88 -21.84
C HIS C 119 6.05 -18.14 -22.34
N GLU C 120 7.35 -18.24 -22.15
CA GLU C 120 8.06 -19.43 -22.64
C GLU C 120 7.59 -20.60 -21.75
N LEU C 121 7.42 -20.31 -20.47
CA LEU C 121 6.98 -21.32 -19.53
C LEU C 121 5.65 -21.92 -19.96
N LEU C 122 4.70 -21.06 -20.27
CA LEU C 122 3.45 -21.51 -20.82
C LEU C 122 3.72 -22.30 -22.12
N GLY C 123 4.54 -21.74 -22.99
CA GLY C 123 4.80 -22.38 -24.26
C GLY C 123 5.20 -23.84 -24.11
N SER C 124 6.07 -24.11 -23.15
CA SER C 124 6.57 -25.46 -22.97
C SER C 124 5.49 -26.38 -22.47
N ALA C 125 4.70 -25.92 -21.50
CA ALA C 125 3.63 -26.77 -21.05
C ALA C 125 2.73 -27.01 -22.24
N SER C 126 2.31 -25.95 -22.90
CA SER C 126 1.30 -26.10 -23.93
C SER C 126 1.69 -27.06 -25.01
N GLN C 127 2.96 -27.04 -25.35
CA GLN C 127 3.40 -27.76 -26.53
C GLN C 127 3.62 -29.22 -26.26
N ARG C 128 3.44 -29.65 -25.03
CA ARG C 128 3.54 -31.07 -24.73
C ARG C 128 2.31 -31.72 -25.30
N GLN C 129 2.45 -32.86 -25.96
CA GLN C 129 1.24 -33.47 -26.51
C GLN C 129 0.70 -34.61 -25.71
N THR C 130 1.38 -34.95 -24.64
CA THR C 130 0.92 -36.08 -23.86
C THR C 130 1.14 -35.83 -22.39
N GLY C 131 0.31 -36.46 -21.56
CA GLY C 131 0.44 -36.31 -20.14
C GLY C 131 -0.11 -34.99 -19.64
N ALA C 132 0.35 -34.62 -18.46
CA ALA C 132 -0.17 -33.43 -17.82
C ALA C 132 0.95 -32.61 -17.30
N SER C 133 0.73 -31.33 -17.20
CA SER C 133 1.75 -30.48 -16.60
C SER C 133 1.15 -29.65 -15.52
N VAL C 134 1.82 -29.48 -14.40
CA VAL C 134 1.37 -28.55 -13.40
C VAL C 134 2.56 -27.78 -12.87
N PHE C 135 2.34 -26.94 -11.88
CA PHE C 135 3.39 -26.05 -11.38
C PHE C 135 3.41 -25.98 -9.87
N ALA C 136 4.62 -25.98 -9.33
CA ALA C 136 4.81 -25.96 -7.90
C ALA C 136 5.44 -24.65 -7.45
N TYR C 137 4.87 -23.99 -6.45
CA TYR C 137 5.34 -22.67 -6.04
C TYR C 137 5.49 -22.54 -4.52
N HIS C 138 6.68 -22.18 -4.04
CA HIS C 138 6.92 -22.03 -2.62
C HIS C 138 6.00 -21.00 -1.99
N VAL C 139 5.28 -21.36 -0.93
CA VAL C 139 4.37 -20.41 -0.27
C VAL C 139 4.34 -20.53 1.23
N LEU C 140 3.75 -19.52 1.84
CA LEU C 140 3.71 -19.45 3.29
C LEU C 140 2.79 -20.45 3.95
N ASP C 141 1.61 -20.74 3.40
CA ASP C 141 0.75 -21.74 4.01
C ASP C 141 0.16 -22.65 2.96
N PRO C 142 0.99 -23.66 2.85
CA PRO C 142 0.88 -24.78 1.93
C PRO C 142 -0.35 -25.58 2.19
N GLU C 143 -0.57 -25.68 3.48
CA GLU C 143 -1.67 -26.45 3.99
C GLU C 143 -2.99 -26.04 3.35
N ARG C 144 -3.10 -24.81 2.83
CA ARG C 144 -4.36 -24.40 2.17
C ARG C 144 -4.59 -25.10 0.86
N TYR C 145 -3.54 -25.70 0.32
CA TYR C 145 -3.55 -26.14 -1.07
C TYR C 145 -3.14 -27.55 -1.25
N GLY C 146 -3.07 -28.00 -2.49
CA GLY C 146 -2.55 -29.32 -2.79
C GLY C 146 -1.06 -29.16 -2.62
N VAL C 147 -0.41 -30.03 -1.88
CA VAL C 147 1.03 -29.89 -1.66
C VAL C 147 1.82 -30.99 -2.35
N VAL C 148 2.99 -30.67 -2.88
CA VAL C 148 3.81 -31.72 -3.50
C VAL C 148 5.03 -32.10 -2.66
N GLU C 149 5.38 -33.40 -2.69
CA GLU C 149 6.56 -33.96 -2.02
C GLU C 149 7.60 -34.32 -3.05
N PHE C 150 8.84 -34.03 -2.75
CA PHE C 150 9.90 -34.26 -3.71
C PHE C 150 10.88 -35.18 -3.11
N ASP C 151 11.52 -36.00 -3.95
CA ASP C 151 12.58 -36.86 -3.44
C ASP C 151 13.88 -36.06 -3.43
N GLN C 152 14.94 -36.71 -3.06
CA GLN C 152 16.20 -36.01 -2.97
C GLN C 152 16.77 -35.40 -4.22
N GLY C 153 16.28 -35.82 -5.37
CA GLY C 153 16.84 -35.35 -6.62
C GLY C 153 15.94 -34.27 -7.19
N GLY C 154 14.90 -33.91 -6.44
CA GLY C 154 13.97 -32.88 -6.87
C GLY C 154 12.83 -33.35 -7.77
N LYS C 155 12.62 -34.65 -7.84
CA LYS C 155 11.56 -35.23 -8.63
C LYS C 155 10.32 -35.34 -7.73
N ALA C 156 9.17 -34.95 -8.23
CA ALA C 156 7.91 -35.08 -7.50
C ALA C 156 7.56 -36.53 -7.27
N ILE C 157 7.11 -36.89 -6.08
CA ILE C 157 6.79 -38.29 -5.74
C ILE C 157 5.47 -38.54 -5.06
N SER C 158 4.81 -37.49 -4.60
CA SER C 158 3.44 -37.64 -4.11
C SER C 158 2.74 -36.29 -3.96
N LEU C 159 1.41 -36.36 -3.85
CA LEU C 159 0.58 -35.17 -3.63
C LEU C 159 -0.45 -35.48 -2.59
N GLU C 160 -0.81 -34.46 -1.84
CA GLU C 160 -1.70 -34.57 -0.69
C GLU C 160 -2.48 -33.24 -0.72
N GLU C 161 -3.80 -33.31 -0.65
CA GLU C 161 -4.62 -32.11 -0.65
C GLU C 161 -4.87 -31.66 0.77
N LYS C 162 -4.51 -30.40 1.06
CA LYS C 162 -4.75 -29.76 2.36
C LYS C 162 -4.37 -30.69 3.50
N PRO C 163 -3.11 -31.04 3.55
CA PRO C 163 -2.63 -31.91 4.60
C PRO C 163 -2.49 -31.20 5.89
N LEU C 164 -2.66 -31.93 6.98
CA LEU C 164 -2.50 -31.34 8.27
C LEU C 164 -1.06 -31.01 8.44
N GLU C 165 -0.20 -31.88 7.91
CA GLU C 165 1.23 -31.65 8.01
C GLU C 165 1.95 -31.78 6.69
N PRO C 166 2.15 -30.64 6.09
CA PRO C 166 2.69 -30.56 4.74
C PRO C 166 4.09 -31.06 4.68
N LYS C 167 4.37 -31.83 3.65
CA LYS C 167 5.68 -32.41 3.43
C LYS C 167 6.66 -31.43 2.80
N SER C 168 6.13 -30.32 2.30
CA SER C 168 6.95 -29.23 1.76
C SER C 168 6.08 -28.00 1.73
N ASN C 169 6.69 -26.89 1.36
CA ASN C 169 5.98 -25.66 1.19
C ASN C 169 5.65 -25.42 -0.27
N TYR C 170 5.74 -26.45 -1.08
CA TYR C 170 5.41 -26.26 -2.50
C TYR C 170 3.97 -26.57 -2.83
N ALA C 171 3.23 -25.55 -3.24
CA ALA C 171 1.84 -25.71 -3.54
C ALA C 171 1.60 -25.88 -5.04
N VAL C 172 0.62 -26.66 -5.40
CA VAL C 172 0.27 -26.78 -6.81
C VAL C 172 -0.55 -25.57 -7.22
N THR C 173 -0.02 -24.71 -8.08
CA THR C 173 -0.79 -23.51 -8.49
C THR C 173 -2.02 -23.87 -9.28
N GLY C 174 -2.82 -22.88 -9.61
CA GLY C 174 -4.13 -23.13 -10.23
C GLY C 174 -4.13 -23.00 -11.73
N LEU C 175 -3.14 -23.62 -12.36
CA LEU C 175 -3.01 -23.58 -13.79
C LEU C 175 -2.71 -25.03 -14.15
N TYR C 176 -3.45 -25.62 -15.08
CA TYR C 176 -3.25 -27.05 -15.34
C TYR C 176 -3.35 -27.37 -16.82
N PHE C 177 -2.45 -28.20 -17.34
CA PHE C 177 -2.48 -28.56 -18.76
C PHE C 177 -2.69 -30.08 -18.87
N TYR C 178 -3.71 -30.51 -19.60
CA TYR C 178 -4.00 -31.92 -19.73
C TYR C 178 -4.13 -32.38 -21.17
N ASP C 179 -3.92 -33.68 -21.35
CA ASP C 179 -4.04 -34.32 -22.60
C ASP C 179 -5.44 -34.96 -22.54
N GLN C 180 -5.78 -35.83 -23.48
CA GLN C 180 -7.13 -36.40 -23.58
C GLN C 180 -7.58 -37.41 -22.51
N GLN C 181 -6.71 -37.73 -21.57
CA GLN C 181 -7.16 -38.56 -20.44
C GLN C 181 -7.97 -37.91 -19.33
N VAL C 182 -7.97 -36.59 -19.26
CA VAL C 182 -8.57 -35.88 -18.13
C VAL C 182 -10.07 -36.08 -18.00
N VAL C 183 -10.78 -36.07 -19.10
CA VAL C 183 -12.21 -36.22 -19.01
C VAL C 183 -12.56 -37.54 -18.37
N ASP C 184 -12.02 -38.63 -18.92
CA ASP C 184 -12.35 -39.93 -18.39
C ASP C 184 -11.86 -40.00 -16.96
N ILE C 185 -10.69 -39.45 -16.65
CA ILE C 185 -10.23 -39.55 -15.27
C ILE C 185 -11.24 -38.86 -14.42
N ALA C 186 -11.71 -37.72 -14.86
CA ALA C 186 -12.68 -37.00 -14.06
C ALA C 186 -13.95 -37.78 -13.88
N ARG C 187 -14.34 -38.50 -14.92
CA ARG C 187 -15.63 -39.15 -14.86
C ARG C 187 -15.65 -40.26 -13.83
N ASP C 188 -14.48 -40.83 -13.52
CA ASP C 188 -14.40 -41.88 -12.50
C ASP C 188 -14.16 -41.36 -11.08
N LEU C 189 -14.11 -40.06 -10.86
CA LEU C 189 -13.78 -39.57 -9.52
C LEU C 189 -14.93 -39.66 -8.58
N LYS C 190 -14.61 -39.87 -7.31
CA LYS C 190 -15.63 -39.83 -6.30
C LYS C 190 -15.28 -38.68 -5.41
N PRO C 191 -16.31 -38.07 -4.86
CA PRO C 191 -16.16 -36.99 -3.91
C PRO C 191 -15.36 -37.42 -2.72
N SER C 192 -14.50 -36.51 -2.26
CA SER C 192 -13.70 -36.69 -1.08
C SER C 192 -14.56 -36.36 0.08
N PRO C 193 -14.09 -36.57 1.29
CA PRO C 193 -14.86 -36.22 2.48
C PRO C 193 -15.30 -34.77 2.46
N ARG C 194 -14.45 -33.87 1.96
CA ARG C 194 -14.85 -32.48 1.76
C ARG C 194 -16.10 -32.35 0.90
N GLY C 195 -16.38 -33.36 0.10
CA GLY C 195 -17.52 -33.33 -0.80
C GLY C 195 -17.26 -32.82 -2.22
N GLU C 196 -16.01 -32.71 -2.63
CA GLU C 196 -15.68 -32.16 -3.93
C GLU C 196 -14.98 -33.16 -4.81
N LEU C 197 -14.98 -32.91 -6.11
CA LEU C 197 -14.18 -33.68 -7.05
C LEU C 197 -12.83 -32.99 -7.18
N GLU C 198 -11.79 -33.70 -6.78
CA GLU C 198 -10.51 -33.08 -6.58
C GLU C 198 -9.52 -33.13 -7.70
N ILE C 199 -9.11 -31.96 -8.13
CA ILE C 199 -8.07 -31.87 -9.12
C ILE C 199 -6.83 -32.59 -8.64
N THR C 200 -6.61 -32.62 -7.35
CA THR C 200 -5.43 -33.31 -6.92
C THR C 200 -5.62 -34.77 -7.37
N ASP C 201 -6.82 -35.31 -7.17
CA ASP C 201 -7.00 -36.71 -7.49
C ASP C 201 -6.66 -36.92 -8.97
N VAL C 202 -6.98 -35.90 -9.77
CA VAL C 202 -6.72 -35.99 -11.18
C VAL C 202 -5.21 -36.05 -11.38
N ASN C 203 -4.56 -35.01 -10.84
CA ASN C 203 -3.11 -34.90 -10.91
C ASN C 203 -2.45 -36.20 -10.48
N ARG C 204 -2.92 -36.79 -9.36
CA ARG C 204 -2.35 -38.05 -8.85
C ARG C 204 -2.47 -39.15 -9.89
N ALA C 205 -3.59 -39.19 -10.59
CA ALA C 205 -3.81 -40.26 -11.55
C ALA C 205 -2.74 -40.17 -12.60
N TYR C 206 -2.45 -38.97 -13.02
CA TYR C 206 -1.41 -38.83 -14.00
C TYR C 206 -0.06 -39.18 -13.41
N LEU C 207 0.12 -38.85 -12.14
CA LEU C 207 1.38 -39.08 -11.49
C LEU C 207 1.61 -40.55 -11.31
N GLU C 208 0.54 -41.30 -11.04
CA GLU C 208 0.67 -42.75 -10.83
C GLU C 208 1.01 -43.51 -12.12
N ARG C 209 0.97 -42.84 -13.27
CA ARG C 209 1.48 -43.48 -14.49
C ARG C 209 2.69 -42.80 -15.06
N GLY C 210 3.36 -42.02 -14.24
CA GLY C 210 4.62 -41.44 -14.66
C GLY C 210 4.37 -40.46 -15.77
N GLN C 211 3.19 -39.86 -15.79
CA GLN C 211 2.86 -38.95 -16.86
C GLN C 211 2.57 -37.55 -16.39
N LEU C 212 2.89 -37.26 -15.15
CA LEU C 212 2.58 -35.96 -14.58
C LEU C 212 3.89 -35.25 -14.54
N SER C 213 3.91 -34.04 -15.07
CA SER C 213 5.14 -33.28 -15.03
C SER C 213 5.00 -32.05 -14.18
N VAL C 214 5.76 -32.00 -13.10
CA VAL C 214 5.65 -30.94 -12.14
C VAL C 214 6.81 -29.97 -12.32
N GLU C 215 6.56 -28.78 -12.84
CA GLU C 215 7.65 -27.82 -13.03
C GLU C 215 7.62 -26.85 -11.88
N ILE C 216 8.76 -26.61 -11.30
CA ILE C 216 8.82 -25.71 -10.21
C ILE C 216 8.69 -24.33 -10.75
N MET C 217 7.86 -23.52 -10.11
CA MET C 217 7.72 -22.15 -10.54
C MET C 217 8.50 -21.28 -9.56
N GLY C 218 9.63 -20.73 -10.01
CA GLY C 218 10.54 -20.03 -9.14
C GLY C 218 10.09 -18.79 -8.43
N ARG C 219 10.81 -18.45 -7.37
CA ARG C 219 10.47 -17.32 -6.51
C ARG C 219 10.50 -16.01 -7.30
N GLY C 220 11.11 -16.03 -8.47
CA GLY C 220 11.05 -14.85 -9.31
C GLY C 220 9.66 -14.58 -9.93
N TYR C 221 8.80 -15.57 -10.05
CA TYR C 221 7.48 -15.35 -10.63
C TYR C 221 6.55 -14.95 -9.53
N ALA C 222 5.48 -14.29 -9.89
CA ALA C 222 4.47 -14.00 -8.92
C ALA C 222 3.25 -14.87 -9.19
N TRP C 223 2.80 -15.58 -8.16
CA TRP C 223 1.57 -16.35 -8.21
C TRP C 223 0.73 -15.80 -7.07
N LEU C 224 -0.26 -14.98 -7.41
CA LEU C 224 -1.07 -14.34 -6.39
C LEU C 224 -2.49 -14.77 -6.56
N ASP C 225 -3.13 -14.93 -5.45
CA ASP C 225 -4.47 -15.39 -5.59
C ASP C 225 -5.15 -14.48 -4.58
N THR C 226 -6.34 -14.07 -4.92
CA THR C 226 -6.84 -12.92 -4.26
C THR C 226 -7.85 -13.51 -3.32
N GLY C 227 -7.33 -14.33 -2.43
CA GLY C 227 -8.21 -15.10 -1.56
C GLY C 227 -8.69 -14.29 -0.36
N THR C 228 -8.05 -13.18 -0.08
CA THR C 228 -8.54 -12.43 1.04
C THR C 228 -8.42 -10.97 0.86
N HIS C 229 -9.28 -10.23 1.53
CA HIS C 229 -9.28 -8.80 1.42
C HIS C 229 -7.91 -8.22 1.39
N ASP C 230 -7.07 -8.63 2.34
CA ASP C 230 -5.69 -8.18 2.38
C ASP C 230 -4.90 -8.58 1.14
N SER C 231 -5.14 -9.77 0.61
CA SER C 231 -4.34 -10.19 -0.54
C SER C 231 -4.87 -9.49 -1.78
N LEU C 232 -6.17 -9.25 -1.79
CA LEU C 232 -6.77 -8.58 -2.92
C LEU C 232 -6.09 -7.23 -3.04
N LEU C 233 -5.96 -6.58 -1.90
CA LEU C 233 -5.31 -5.30 -1.81
C LEU C 233 -3.90 -5.33 -2.35
N GLU C 234 -3.08 -6.17 -1.76
CA GLU C 234 -1.70 -6.32 -2.17
C GLU C 234 -1.56 -6.53 -3.68
N ALA C 235 -2.44 -7.34 -4.26
CA ALA C 235 -2.28 -7.67 -5.65
C ALA C 235 -2.51 -6.43 -6.46
N GLY C 236 -3.59 -5.73 -6.11
CA GLY C 236 -3.94 -4.51 -6.81
C GLY C 236 -2.69 -3.61 -6.78
N GLN C 237 -2.02 -3.64 -5.64
CA GLN C 237 -0.86 -2.82 -5.48
C GLN C 237 0.34 -3.26 -6.27
N PHE C 238 0.51 -4.55 -6.37
CA PHE C 238 1.64 -5.10 -7.02
C PHE C 238 1.58 -4.61 -8.45
N ILE C 239 0.39 -4.72 -9.02
CA ILE C 239 0.19 -4.37 -10.38
C ILE C 239 0.33 -2.90 -10.54
N ALA C 240 -0.24 -2.13 -9.64
CA ALA C 240 -0.14 -0.68 -9.80
C ALA C 240 1.34 -0.31 -9.81
N THR C 241 2.10 -0.88 -8.90
CA THR C 241 3.51 -0.59 -8.88
C THR C 241 4.16 -0.89 -10.25
N LEU C 242 3.95 -2.07 -10.79
CA LEU C 242 4.59 -2.43 -12.06
C LEU C 242 4.12 -1.46 -13.12
N GLU C 243 2.82 -1.35 -13.25
CA GLU C 243 2.26 -0.48 -14.25
C GLU C 243 2.79 0.99 -14.21
N ASN C 244 2.88 1.61 -13.07
CA ASN C 244 3.28 3.03 -13.07
C ASN C 244 4.77 3.31 -13.27
N ARG C 245 5.59 2.31 -13.11
CA ARG C 245 6.99 2.41 -13.38
C ARG C 245 7.24 2.20 -14.87
N GLN C 246 6.59 1.19 -15.43
CA GLN C 246 6.89 0.75 -16.80
C GLN C 246 6.22 1.52 -17.87
N GLY C 247 4.99 1.97 -17.64
CA GLY C 247 4.23 2.60 -18.69
C GLY C 247 3.64 1.51 -19.58
N LEU C 248 3.60 0.27 -19.09
CA LEU C 248 2.98 -0.84 -19.78
C LEU C 248 1.97 -1.45 -18.87
N LYS C 249 1.03 -2.20 -19.41
CA LYS C 249 0.01 -2.73 -18.53
C LYS C 249 0.05 -4.21 -18.55
N VAL C 250 -0.42 -4.80 -17.45
CA VAL C 250 -0.41 -6.22 -17.31
C VAL C 250 -1.75 -6.74 -17.69
N ALA C 251 -1.76 -7.86 -18.36
CA ALA C 251 -2.95 -8.61 -18.67
C ALA C 251 -3.99 -7.77 -19.36
N CYS C 252 -3.57 -7.13 -20.42
CA CYS C 252 -4.47 -6.32 -21.18
C CYS C 252 -4.70 -7.07 -22.50
N PRO C 253 -5.85 -7.71 -22.62
CA PRO C 253 -6.06 -8.65 -23.72
C PRO C 253 -5.89 -8.06 -25.09
N GLU C 254 -6.18 -6.78 -25.23
CA GLU C 254 -6.11 -6.19 -26.53
C GLU C 254 -4.69 -6.28 -26.97
N GLU C 255 -3.80 -5.97 -26.04
CA GLU C 255 -2.38 -5.95 -26.35
C GLU C 255 -1.90 -7.32 -26.73
N ILE C 256 -2.25 -8.33 -25.95
CA ILE C 256 -1.77 -9.67 -26.26
C ILE C 256 -2.23 -10.10 -27.64
N ALA C 257 -3.53 -10.02 -27.88
CA ALA C 257 -4.09 -10.31 -29.20
C ALA C 257 -3.28 -9.62 -30.30
N TYR C 258 -3.06 -8.33 -30.15
CA TYR C 258 -2.32 -7.58 -31.16
C TYR C 258 -0.88 -8.11 -31.29
N ARG C 259 -0.22 -8.39 -30.17
CA ARG C 259 1.15 -8.89 -30.25
C ARG C 259 1.22 -10.26 -30.93
N GLN C 260 0.18 -11.06 -30.76
CA GLN C 260 0.10 -12.39 -31.35
C GLN C 260 -0.41 -12.39 -32.78
N LYS C 261 -0.78 -11.20 -33.28
CA LYS C 261 -1.34 -11.05 -34.63
C LYS C 261 -2.71 -11.71 -34.77
N TRP C 262 -3.43 -11.92 -33.66
CA TRP C 262 -4.77 -12.43 -33.69
C TRP C 262 -5.74 -11.35 -34.13
N ILE C 263 -5.33 -10.10 -33.99
CA ILE C 263 -6.09 -8.97 -34.52
C ILE C 263 -5.04 -8.04 -35.11
N ASP C 264 -5.41 -7.26 -36.10
CA ASP C 264 -4.46 -6.33 -36.73
C ASP C 264 -4.61 -4.90 -36.17
N ALA C 265 -3.81 -3.99 -36.70
CA ALA C 265 -3.81 -2.63 -36.21
C ALA C 265 -5.16 -1.98 -36.36
N ALA C 266 -5.78 -2.13 -37.51
CA ALA C 266 -7.08 -1.50 -37.70
C ALA C 266 -8.03 -1.94 -36.57
N GLN C 267 -7.96 -3.22 -36.25
CA GLN C 267 -8.87 -3.75 -35.27
C GLN C 267 -8.53 -3.09 -33.93
N LEU C 268 -7.24 -2.98 -33.62
CA LEU C 268 -6.84 -2.42 -32.34
C LEU C 268 -7.28 -0.98 -32.22
N GLU C 269 -7.24 -0.23 -33.31
CA GLU C 269 -7.63 1.18 -33.26
C GLU C 269 -9.09 1.23 -32.83
N LYS C 270 -9.88 0.41 -33.50
CA LYS C 270 -11.30 0.31 -33.28
C LYS C 270 -11.61 -0.03 -31.82
N LEU C 271 -10.85 -0.93 -31.24
CA LEU C 271 -11.10 -1.29 -29.86
C LEU C 271 -10.84 -0.12 -28.91
N ALA C 272 -10.00 0.81 -29.35
CA ALA C 272 -9.52 1.91 -28.54
C ALA C 272 -10.40 3.14 -28.51
N ALA C 273 -10.99 3.45 -29.64
CA ALA C 273 -11.93 4.57 -29.72
C ALA C 273 -12.83 4.71 -28.47
N PRO C 274 -13.56 3.66 -28.13
CA PRO C 274 -14.59 3.79 -27.11
C PRO C 274 -13.96 4.06 -25.75
N LEU C 275 -12.66 3.74 -25.62
CA LEU C 275 -11.96 3.95 -24.34
C LEU C 275 -10.99 5.15 -24.41
N ALA C 276 -11.09 5.97 -25.46
CA ALA C 276 -10.12 7.08 -25.67
C ALA C 276 -10.03 8.14 -24.58
N LYS C 277 -11.12 8.36 -23.86
CA LYS C 277 -11.09 9.40 -22.84
C LYS C 277 -10.28 8.97 -21.63
N ASN C 278 -9.79 7.72 -21.60
CA ASN C 278 -9.07 7.31 -20.40
C ASN C 278 -7.74 6.63 -20.61
N GLY C 279 -7.13 6.28 -19.50
CA GLY C 279 -5.80 5.73 -19.53
C GLY C 279 -5.72 4.54 -20.47
N TYR C 280 -6.68 3.64 -20.30
CA TYR C 280 -6.65 2.36 -20.98
C TYR C 280 -6.71 2.56 -22.49
N GLY C 281 -7.60 3.43 -22.92
CA GLY C 281 -7.74 3.60 -24.34
C GLY C 281 -6.49 4.26 -24.85
N GLN C 282 -5.97 5.18 -24.07
CA GLN C 282 -4.84 5.91 -24.52
C GLN C 282 -3.68 4.94 -24.69
N TYR C 283 -3.57 3.99 -23.78
CA TYR C 283 -2.53 2.97 -23.85
C TYR C 283 -2.65 2.23 -25.17
N LEU C 284 -3.82 1.68 -25.45
CA LEU C 284 -3.98 0.95 -26.70
C LEU C 284 -3.53 1.75 -27.92
N LYS C 285 -3.91 3.03 -28.01
CA LYS C 285 -3.47 3.82 -29.14
C LYS C 285 -1.97 3.80 -29.21
N ARG C 286 -1.36 4.08 -28.08
CA ARG C 286 0.07 4.24 -28.07
C ARG C 286 0.71 3.01 -28.64
N LEU C 287 0.20 1.83 -28.28
CA LEU C 287 0.75 0.58 -28.79
C LEU C 287 0.90 0.55 -30.30
N LEU C 288 0.01 1.21 -31.03
CA LEU C 288 0.11 1.20 -32.50
C LEU C 288 1.31 1.91 -33.08
N THR C 289 2.03 2.67 -32.28
CA THR C 289 3.19 3.41 -32.84
C THR C 289 4.42 3.33 -32.00
N GLU C 290 4.56 2.26 -31.24
CA GLU C 290 5.69 2.15 -30.34
C GLU C 290 6.12 0.74 -30.38
N THR C 291 7.37 0.56 -30.69
CA THR C 291 7.86 -0.77 -30.67
C THR C 291 8.10 -1.06 -29.19
N VAL C 292 7.51 -2.15 -28.74
CA VAL C 292 7.69 -2.62 -27.38
C VAL C 292 8.28 -4.01 -27.43
N TYR C 293 9.47 -4.17 -26.89
CA TYR C 293 10.12 -5.45 -26.96
C TYR C 293 9.63 -6.38 -25.86
N MET D 1 -37.42 18.55 12.84
CA MET D 1 -38.21 17.79 11.84
C MET D 1 -37.42 16.59 11.47
N LYS D 2 -37.98 15.84 10.55
CA LYS D 2 -37.32 14.62 10.13
C LYS D 2 -36.67 14.74 8.78
N ARG D 3 -35.49 14.15 8.65
CA ARG D 3 -34.75 14.21 7.40
C ARG D 3 -34.61 12.90 6.60
N LYS D 4 -34.85 12.99 5.30
CA LYS D 4 -34.65 11.87 4.41
C LYS D 4 -33.32 11.99 3.69
N GLY D 5 -32.74 10.87 3.32
CA GLY D 5 -31.48 10.92 2.62
C GLY D 5 -31.45 10.34 1.21
N ILE D 6 -30.56 10.88 0.41
CA ILE D 6 -30.31 10.36 -0.92
C ILE D 6 -28.83 10.02 -1.10
N ILE D 7 -28.56 8.86 -1.68
CA ILE D 7 -27.20 8.52 -2.07
C ILE D 7 -27.22 8.47 -3.59
N LEU D 8 -26.49 9.37 -4.21
CA LEU D 8 -26.43 9.38 -5.67
C LEU D 8 -25.26 8.50 -6.11
N ALA D 9 -25.57 7.29 -6.57
CA ALA D 9 -24.58 6.29 -6.93
C ALA D 9 -24.68 5.84 -8.34
N GLY D 10 -24.86 6.78 -9.22
CA GLY D 10 -24.96 6.40 -10.59
C GLY D 10 -23.64 6.78 -11.17
N GLY D 11 -23.78 7.44 -12.31
CA GLY D 11 -22.65 8.05 -12.92
C GLY D 11 -21.94 7.04 -13.75
N SER D 12 -21.18 7.55 -14.70
CA SER D 12 -20.31 6.71 -15.50
C SER D 12 -19.08 6.45 -14.65
N GLY D 13 -18.36 5.43 -15.12
CA GLY D 13 -17.03 5.17 -14.61
C GLY D 13 -16.11 5.33 -15.81
N THR D 14 -16.62 5.96 -16.88
CA THR D 14 -15.92 5.85 -18.17
C THR D 14 -14.43 5.98 -17.90
N ARG D 15 -14.08 6.98 -17.11
CA ARG D 15 -12.70 7.12 -16.68
C ARG D 15 -12.29 5.72 -16.26
N LEU D 16 -12.82 5.27 -15.13
CA LEU D 16 -12.38 4.02 -14.49
C LEU D 16 -12.44 2.77 -15.39
N HIS D 17 -13.13 2.87 -16.51
CA HIS D 17 -13.04 1.72 -17.41
C HIS D 17 -11.65 1.24 -17.70
N PRO D 18 -11.44 -0.03 -17.97
CA PRO D 18 -12.43 -1.12 -17.95
C PRO D 18 -12.73 -1.75 -16.62
N ALA D 19 -12.17 -1.26 -15.53
CA ALA D 19 -12.46 -1.85 -14.25
C ALA D 19 -13.96 -1.87 -14.03
N THR D 20 -14.59 -0.78 -14.39
CA THR D 20 -15.99 -0.63 -14.11
C THR D 20 -16.88 -1.05 -15.23
N LEU D 21 -16.41 -1.93 -16.08
CA LEU D 21 -17.20 -2.34 -17.24
C LEU D 21 -18.28 -3.32 -16.82
N ALA D 22 -18.08 -3.99 -15.69
CA ALA D 22 -18.96 -5.08 -15.27
C ALA D 22 -19.85 -4.74 -14.12
N ILE D 23 -19.39 -3.77 -13.35
CA ILE D 23 -20.23 -3.27 -12.30
C ILE D 23 -19.91 -1.84 -12.03
N SER D 24 -20.83 -1.22 -11.33
CA SER D 24 -20.72 0.17 -11.05
C SER D 24 -19.67 0.36 -9.98
N LYS D 25 -18.86 1.38 -10.15
CA LYS D 25 -17.90 1.80 -9.14
C LYS D 25 -18.35 1.62 -7.68
N GLN D 26 -19.56 2.08 -7.40
CA GLN D 26 -20.10 2.11 -6.05
C GLN D 26 -20.32 0.75 -5.43
N LEU D 27 -20.24 -0.30 -6.25
CA LEU D 27 -20.36 -1.66 -5.75
C LEU D 27 -19.01 -2.33 -5.57
N LEU D 28 -17.95 -1.64 -5.95
CA LEU D 28 -16.64 -2.20 -5.74
C LEU D 28 -16.21 -2.02 -4.31
N PRO D 29 -15.37 -2.92 -3.87
CA PRO D 29 -14.91 -2.91 -2.49
C PRO D 29 -13.88 -1.91 -2.16
N VAL D 30 -14.03 -1.26 -1.02
CA VAL D 30 -12.98 -0.45 -0.49
C VAL D 30 -12.47 -1.30 0.66
N TYR D 31 -11.43 -2.07 0.37
CA TYR D 31 -10.80 -2.99 1.29
C TYR D 31 -11.66 -4.19 1.55
N ASP D 32 -12.63 -4.05 2.44
CA ASP D 32 -13.33 -5.21 2.91
C ASP D 32 -14.84 -5.14 2.78
N LYS D 33 -15.37 -4.10 2.21
CA LYS D 33 -16.80 -4.05 2.03
C LYS D 33 -17.14 -3.13 0.84
N PRO D 34 -18.34 -3.24 0.30
CA PRO D 34 -18.72 -2.42 -0.84
C PRO D 34 -18.67 -0.93 -0.56
N MET D 35 -18.15 -0.19 -1.53
CA MET D 35 -18.01 1.25 -1.44
C MET D 35 -19.23 1.89 -0.88
N ILE D 36 -20.39 1.56 -1.42
CA ILE D 36 -21.59 2.31 -1.05
C ILE D 36 -21.85 2.29 0.43
N TYR D 37 -21.31 1.29 1.11
CA TYR D 37 -21.49 1.11 2.54
C TYR D 37 -20.99 2.30 3.29
N TYR D 38 -19.98 2.95 2.76
CA TYR D 38 -19.39 4.05 3.47
C TYR D 38 -20.41 5.21 3.55
N PRO D 39 -20.77 5.82 2.44
CA PRO D 39 -21.75 6.89 2.48
C PRO D 39 -23.05 6.42 3.09
N LEU D 40 -23.39 5.15 2.91
CA LEU D 40 -24.62 4.67 3.54
C LEU D 40 -24.45 4.92 5.02
N SER D 41 -23.24 4.69 5.49
CA SER D 41 -23.01 4.74 6.91
C SER D 41 -23.02 6.19 7.36
N THR D 42 -22.68 7.09 6.46
CA THR D 42 -22.59 8.49 6.83
C THR D 42 -23.98 8.99 7.15
N LEU D 43 -24.92 8.71 6.26
CA LEU D 43 -26.30 9.07 6.50
C LEU D 43 -26.83 8.43 7.78
N MET D 44 -26.52 7.16 7.97
CA MET D 44 -27.03 6.47 9.13
C MET D 44 -26.59 7.28 10.34
N LEU D 45 -25.32 7.64 10.39
CA LEU D 45 -24.78 8.37 11.55
C LEU D 45 -25.44 9.75 11.73
N ALA D 46 -25.97 10.26 10.65
CA ALA D 46 -26.72 11.50 10.67
C ALA D 46 -28.13 11.31 11.21
N GLY D 47 -28.48 10.08 11.57
CA GLY D 47 -29.78 9.80 12.12
C GLY D 47 -30.82 9.57 11.05
N ILE D 48 -30.37 9.38 9.82
CA ILE D 48 -31.31 9.25 8.72
C ILE D 48 -31.56 7.78 8.47
N ARG D 49 -32.83 7.38 8.43
CA ARG D 49 -33.17 5.98 8.27
C ARG D 49 -33.87 5.73 6.96
N GLU D 50 -34.43 6.78 6.40
CA GLU D 50 -35.25 6.64 5.23
C GLU D 50 -34.45 7.19 4.09
N ILE D 51 -34.10 6.30 3.16
CA ILE D 51 -33.10 6.64 2.13
C ILE D 51 -33.37 6.17 0.73
N LEU D 52 -33.09 7.04 -0.21
CA LEU D 52 -33.31 6.74 -1.60
C LEU D 52 -31.96 6.59 -2.31
N ILE D 53 -31.76 5.42 -2.93
CA ILE D 53 -30.53 5.17 -3.65
C ILE D 53 -30.73 5.30 -5.15
N ILE D 54 -30.03 6.24 -5.73
CA ILE D 54 -30.13 6.49 -7.17
C ILE D 54 -28.95 5.88 -7.91
N SER D 55 -29.24 5.30 -9.05
CA SER D 55 -28.19 4.67 -9.82
C SER D 55 -28.60 4.54 -11.27
N THR D 56 -27.73 3.99 -12.08
CA THR D 56 -28.05 3.75 -13.48
C THR D 56 -29.08 2.67 -13.54
N PRO D 57 -29.94 2.74 -14.54
CA PRO D 57 -31.02 1.79 -14.74
C PRO D 57 -30.52 0.40 -14.73
N GLN D 58 -29.30 0.29 -15.14
CA GLN D 58 -28.77 -1.02 -15.34
C GLN D 58 -28.21 -1.61 -14.10
N ASP D 59 -27.74 -0.80 -13.18
CA ASP D 59 -27.23 -1.37 -11.93
C ASP D 59 -28.17 -1.38 -10.73
N THR D 60 -29.37 -0.79 -10.82
CA THR D 60 -30.29 -0.80 -9.69
C THR D 60 -30.51 -2.18 -9.10
N PRO D 61 -30.79 -3.14 -9.96
CA PRO D 61 -31.00 -4.50 -9.52
C PRO D 61 -29.87 -5.00 -8.61
N ARG D 62 -28.65 -4.68 -8.98
CA ARG D 62 -27.50 -5.12 -8.18
C ARG D 62 -27.41 -4.34 -6.87
N PHE D 63 -27.63 -3.03 -6.91
CA PHE D 63 -27.73 -2.32 -5.65
C PHE D 63 -28.78 -2.99 -4.79
N GLN D 64 -29.96 -3.27 -5.37
CA GLN D 64 -31.04 -3.89 -4.60
C GLN D 64 -30.62 -5.25 -4.05
N GLN D 65 -29.95 -5.99 -4.89
CA GLN D 65 -29.49 -7.30 -4.48
C GLN D 65 -28.58 -7.25 -3.22
N LEU D 66 -27.80 -6.20 -3.11
CA LEU D 66 -26.89 -6.05 -2.01
C LEU D 66 -27.51 -5.53 -0.71
N LEU D 67 -28.31 -4.48 -0.83
CA LEU D 67 -28.91 -3.82 0.32
C LEU D 67 -30.36 -4.18 0.69
N GLY D 68 -31.09 -4.79 -0.23
CA GLY D 68 -32.49 -5.13 0.03
C GLY D 68 -33.37 -3.90 0.27
N ASP D 69 -34.46 -4.11 1.02
CA ASP D 69 -35.34 -3.01 1.32
C ASP D 69 -34.89 -2.20 2.56
N GLY D 70 -33.88 -2.68 3.29
CA GLY D 70 -33.34 -1.97 4.45
C GLY D 70 -33.85 -2.48 5.77
N SER D 71 -35.07 -3.00 5.79
CA SER D 71 -35.63 -3.55 7.02
C SER D 71 -34.68 -4.44 7.83
N ASN D 72 -33.72 -5.09 7.22
CA ASN D 72 -32.85 -5.94 8.05
C ASN D 72 -31.94 -5.12 8.95
N TRP D 73 -31.62 -3.91 8.50
CA TRP D 73 -30.79 -3.01 9.26
C TRP D 73 -31.60 -1.89 9.89
N GLY D 74 -32.89 -2.09 9.99
CA GLY D 74 -33.76 -1.07 10.58
C GLY D 74 -33.96 0.15 9.71
N LEU D 75 -33.67 0.03 8.43
CA LEU D 75 -33.78 1.14 7.51
C LEU D 75 -34.92 0.92 6.52
N ASP D 76 -35.16 1.97 5.76
CA ASP D 76 -36.15 1.91 4.72
C ASP D 76 -35.44 2.38 3.49
N LEU D 77 -35.10 1.45 2.62
CA LEU D 77 -34.41 1.80 1.40
C LEU D 77 -35.31 1.76 0.17
N GLN D 78 -35.33 2.86 -0.56
CA GLN D 78 -36.02 2.85 -1.82
C GLN D 78 -35.03 3.05 -2.89
N TYR D 79 -35.48 3.03 -4.11
CA TYR D 79 -34.57 3.06 -5.24
C TYR D 79 -35.14 3.85 -6.41
N ALA D 80 -34.24 4.38 -7.19
CA ALA D 80 -34.60 5.16 -8.32
C ALA D 80 -33.43 5.11 -9.28
N VAL D 81 -33.69 5.66 -10.43
CA VAL D 81 -32.84 5.47 -11.56
C VAL D 81 -32.45 6.79 -12.24
N GLN D 82 -31.26 6.85 -12.78
CA GLN D 82 -30.80 8.04 -13.51
C GLN D 82 -30.20 7.62 -14.85
N PRO D 83 -31.00 7.70 -15.88
CA PRO D 83 -30.62 7.21 -17.21
C PRO D 83 -29.33 7.87 -17.73
N SER D 84 -29.12 9.10 -17.29
CA SER D 84 -28.01 9.88 -17.78
C SER D 84 -27.43 10.75 -16.66
N PRO D 85 -26.12 10.81 -16.54
CA PRO D 85 -25.49 11.54 -15.43
C PRO D 85 -25.54 13.02 -15.69
N ASP D 86 -26.70 13.62 -15.53
CA ASP D 86 -26.84 15.02 -15.90
C ASP D 86 -26.64 16.05 -14.79
N GLY D 87 -26.00 15.68 -13.69
CA GLY D 87 -25.77 16.63 -12.60
C GLY D 87 -26.26 16.19 -11.23
N LEU D 88 -25.52 16.56 -10.19
CA LEU D 88 -25.87 16.17 -8.86
C LEU D 88 -27.23 16.66 -8.54
N ALA D 89 -27.53 17.88 -8.99
CA ALA D 89 -28.82 18.47 -8.68
C ALA D 89 -29.97 17.69 -9.24
N GLN D 90 -29.79 16.92 -10.31
CA GLN D 90 -30.91 16.10 -10.80
C GLN D 90 -31.48 15.23 -9.69
N ALA D 91 -30.62 14.82 -8.78
CA ALA D 91 -31.07 14.01 -7.69
C ALA D 91 -32.38 14.54 -7.17
N PHE D 92 -32.48 15.85 -6.98
CA PHE D 92 -33.65 16.40 -6.34
C PHE D 92 -34.86 16.30 -7.23
N LEU D 93 -34.68 16.50 -8.53
CA LEU D 93 -35.79 16.26 -9.40
C LEU D 93 -36.13 14.75 -9.27
N ILE D 94 -35.14 13.86 -9.36
CA ILE D 94 -35.48 12.44 -9.37
C ILE D 94 -36.16 11.99 -8.07
N GLY D 95 -35.70 12.58 -6.98
CA GLY D 95 -36.19 12.26 -5.66
C GLY D 95 -37.24 13.20 -5.13
N GLU D 96 -37.83 14.02 -5.99
CA GLU D 96 -38.89 14.92 -5.56
C GLU D 96 -39.99 14.25 -4.71
N SER D 97 -40.67 13.26 -5.26
CA SER D 97 -41.78 12.61 -4.57
C SER D 97 -41.30 11.79 -3.39
N PHE D 98 -40.08 11.30 -3.45
CA PHE D 98 -39.50 10.63 -2.28
C PHE D 98 -39.29 11.61 -1.14
N ILE D 99 -38.86 12.83 -1.44
CA ILE D 99 -38.64 13.78 -0.38
C ILE D 99 -39.95 14.29 0.23
N GLY D 100 -40.91 14.58 -0.65
CA GLY D 100 -42.16 15.19 -0.19
C GLY D 100 -41.88 16.51 0.50
N ASN D 101 -42.39 16.65 1.72
CA ASN D 101 -42.21 17.88 2.49
C ASN D 101 -41.24 17.82 3.62
N ASP D 102 -40.26 16.94 3.51
CA ASP D 102 -39.26 16.82 4.53
C ASP D 102 -37.92 17.42 4.19
N LEU D 103 -37.13 17.55 5.25
CA LEU D 103 -35.75 17.94 5.11
C LEU D 103 -35.01 16.78 4.45
N SER D 104 -33.94 17.10 3.77
CA SER D 104 -33.20 16.03 3.16
C SER D 104 -31.71 16.23 3.22
N ALA D 105 -31.03 15.32 2.53
CA ALA D 105 -29.59 15.25 2.58
C ALA D 105 -29.12 14.36 1.50
N LEU D 106 -28.12 14.85 0.77
CA LEU D 106 -27.59 14.13 -0.38
C LEU D 106 -26.16 13.79 -0.10
N VAL D 107 -25.78 12.55 -0.40
CA VAL D 107 -24.38 12.16 -0.32
C VAL D 107 -23.96 11.43 -1.58
N LEU D 108 -22.70 11.56 -1.97
CA LEU D 108 -22.22 10.87 -3.15
C LEU D 108 -21.86 9.45 -2.78
N GLY D 109 -22.26 8.51 -3.61
CA GLY D 109 -21.98 7.11 -3.36
C GLY D 109 -20.52 6.70 -3.34
N ASP D 110 -19.61 7.50 -3.87
CA ASP D 110 -18.20 7.11 -3.82
C ASP D 110 -17.40 8.01 -2.88
N ASN D 111 -18.09 8.68 -1.96
CA ASN D 111 -17.42 9.60 -1.06
C ASN D 111 -17.30 9.02 0.29
N LEU D 112 -16.07 9.04 0.80
CA LEU D 112 -15.73 8.36 2.03
C LEU D 112 -15.27 9.36 3.09
N TYR D 113 -15.96 9.41 4.24
CA TYR D 113 -15.62 10.34 5.30
C TYR D 113 -15.25 9.55 6.54
N TYR D 114 -14.21 10.01 7.26
CA TYR D 114 -13.80 9.38 8.50
C TYR D 114 -13.02 10.31 9.43
N GLY D 115 -13.43 10.33 10.70
CA GLY D 115 -12.74 11.13 11.70
C GLY D 115 -13.50 11.28 13.02
N HIS D 116 -12.72 11.65 14.02
CA HIS D 116 -13.18 11.83 15.36
C HIS D 116 -14.26 12.91 15.41
N ASP D 117 -15.39 12.56 16.05
CA ASP D 117 -16.50 13.47 16.22
C ASP D 117 -17.20 13.84 14.90
N PHE D 118 -16.97 13.05 13.87
CA PHE D 118 -17.69 13.22 12.64
C PHE D 118 -19.19 13.01 12.95
N HIS D 119 -19.49 12.21 13.97
CA HIS D 119 -20.88 11.94 14.32
C HIS D 119 -21.57 13.21 14.85
N GLU D 120 -20.83 14.00 15.64
CA GLU D 120 -21.40 15.21 16.21
C GLU D 120 -21.53 16.23 15.10
N LEU D 121 -20.58 16.18 14.17
CA LEU D 121 -20.60 17.05 13.01
C LEU D 121 -21.90 16.81 12.23
N LEU D 122 -22.13 15.57 11.84
CA LEU D 122 -23.38 15.21 11.21
C LEU D 122 -24.56 15.67 12.06
N GLY D 123 -24.51 15.35 13.36
CA GLY D 123 -25.58 15.67 14.26
C GLY D 123 -25.99 17.12 14.14
N SER D 124 -25.00 18.00 14.08
CA SER D 124 -25.29 19.42 14.03
C SER D 124 -25.96 19.81 12.70
N ALA D 125 -25.35 19.45 11.60
CA ALA D 125 -25.96 19.80 10.35
C ALA D 125 -27.37 19.24 10.37
N SER D 126 -27.51 18.00 10.80
CA SER D 126 -28.77 17.34 10.64
C SER D 126 -29.89 17.99 11.42
N GLN D 127 -29.55 18.54 12.59
CA GLN D 127 -30.55 19.10 13.48
C GLN D 127 -30.94 20.54 13.19
N ARG D 128 -30.29 21.14 12.21
CA ARG D 128 -30.65 22.48 11.79
C ARG D 128 -31.95 22.35 11.03
N GLN D 129 -32.92 23.18 11.33
CA GLN D 129 -34.18 23.04 10.63
C GLN D 129 -34.39 23.91 9.43
N THR D 130 -33.45 24.76 9.14
CA THR D 130 -33.65 25.69 8.05
C THR D 130 -32.36 25.91 7.30
N GLY D 131 -32.49 26.21 6.04
CA GLY D 131 -31.33 26.52 5.27
C GLY D 131 -30.65 25.26 4.87
N ALA D 132 -29.41 25.41 4.46
CA ALA D 132 -28.64 24.31 3.97
C ALA D 132 -27.34 24.27 4.72
N SER D 133 -26.72 23.10 4.74
CA SER D 133 -25.38 23.03 5.27
C SER D 133 -24.48 22.27 4.38
N VAL D 134 -23.30 22.77 4.10
CA VAL D 134 -22.28 22.02 3.39
C VAL D 134 -20.92 22.07 4.07
N PHE D 135 -19.92 21.45 3.49
CA PHE D 135 -18.60 21.34 4.12
C PHE D 135 -17.41 21.65 3.23
N ALA D 136 -16.44 22.31 3.81
CA ALA D 136 -15.27 22.75 3.07
C ALA D 136 -14.03 22.09 3.58
N TYR D 137 -13.18 21.63 2.67
CA TYR D 137 -12.05 20.80 3.04
C TYR D 137 -10.83 21.08 2.20
N HIS D 138 -9.75 21.41 2.87
CA HIS D 138 -8.46 21.66 2.18
C HIS D 138 -8.03 20.51 1.27
N VAL D 139 -7.81 20.76 0.00
CA VAL D 139 -7.32 19.69 -0.88
C VAL D 139 -6.22 20.11 -1.82
N LEU D 140 -5.63 19.13 -2.49
CA LEU D 140 -4.55 19.41 -3.40
C LEU D 140 -5.06 19.99 -4.68
N ASP D 141 -6.17 19.47 -5.18
CA ASP D 141 -6.67 19.94 -6.48
C ASP D 141 -8.10 20.49 -6.45
N PRO D 142 -8.27 21.65 -5.86
CA PRO D 142 -9.59 22.23 -5.72
C PRO D 142 -10.22 22.47 -7.07
N GLU D 143 -9.40 22.67 -8.08
CA GLU D 143 -9.98 22.97 -9.40
C GLU D 143 -10.91 21.87 -9.89
N ARG D 144 -10.83 20.67 -9.34
CA ARG D 144 -11.68 19.58 -9.79
C ARG D 144 -13.06 19.75 -9.20
N TYR D 145 -13.16 20.62 -8.23
CA TYR D 145 -14.39 20.71 -7.45
C TYR D 145 -15.02 22.06 -7.37
N GLY D 146 -16.16 22.14 -6.73
CA GLY D 146 -16.78 23.43 -6.49
C GLY D 146 -15.97 24.09 -5.37
N VAL D 147 -15.47 25.30 -5.59
CA VAL D 147 -14.53 25.89 -4.63
C VAL D 147 -15.14 26.98 -3.78
N VAL D 148 -14.71 27.11 -2.52
CA VAL D 148 -15.29 28.20 -1.71
C VAL D 148 -14.33 29.34 -1.37
N GLU D 149 -14.80 30.59 -1.47
CA GLU D 149 -14.00 31.78 -1.18
C GLU D 149 -14.41 32.29 0.18
N PHE D 150 -13.44 32.67 1.00
CA PHE D 150 -13.76 33.15 2.32
C PHE D 150 -13.29 34.57 2.48
N ASP D 151 -13.98 35.36 3.32
CA ASP D 151 -13.46 36.68 3.67
C ASP D 151 -12.43 36.56 4.82
N GLN D 152 -11.78 37.67 5.12
CA GLN D 152 -10.72 37.74 6.14
C GLN D 152 -11.14 37.20 7.50
N GLY D 153 -12.43 37.12 7.75
CA GLY D 153 -12.91 36.55 9.02
C GLY D 153 -13.26 35.06 8.92
N GLY D 154 -13.01 34.44 7.77
CA GLY D 154 -13.32 33.02 7.63
C GLY D 154 -14.78 32.67 7.29
N LYS D 155 -15.54 33.66 6.82
CA LYS D 155 -16.95 33.48 6.47
C LYS D 155 -16.96 33.31 4.97
N ALA D 156 -17.66 32.29 4.50
CA ALA D 156 -17.81 32.01 3.08
C ALA D 156 -18.56 33.12 2.41
N ILE D 157 -18.04 33.61 1.28
CA ILE D 157 -18.68 34.67 0.52
C ILE D 157 -19.01 34.33 -0.92
N SER D 158 -18.38 33.33 -1.53
CA SER D 158 -18.72 32.96 -2.90
C SER D 158 -18.40 31.49 -3.21
N LEU D 159 -18.96 30.96 -4.31
CA LEU D 159 -18.64 29.63 -4.77
C LEU D 159 -18.50 29.64 -6.26
N GLU D 160 -17.54 28.87 -6.79
CA GLU D 160 -17.29 28.75 -8.22
C GLU D 160 -17.12 27.28 -8.45
N GLU D 161 -17.70 26.76 -9.53
CA GLU D 161 -17.55 25.36 -9.86
C GLU D 161 -16.41 25.18 -10.86
N LYS D 162 -15.42 24.36 -10.52
CA LYS D 162 -14.31 24.04 -11.41
C LYS D 162 -13.71 25.29 -12.01
N PRO D 163 -13.24 26.19 -11.18
CA PRO D 163 -12.64 27.44 -11.68
C PRO D 163 -11.28 27.20 -12.29
N LEU D 164 -10.88 28.06 -13.21
CA LEU D 164 -9.58 27.93 -13.82
C LEU D 164 -8.58 28.37 -12.77
N GLU D 165 -8.99 29.36 -12.00
CA GLU D 165 -8.10 29.86 -10.96
C GLU D 165 -8.76 29.96 -9.63
N PRO D 166 -8.53 28.93 -8.85
CA PRO D 166 -9.20 28.74 -7.58
C PRO D 166 -8.85 29.83 -6.63
N LYS D 167 -9.86 30.31 -5.93
CA LYS D 167 -9.65 31.38 -4.96
C LYS D 167 -9.18 30.86 -3.62
N SER D 168 -9.16 29.54 -3.49
CA SER D 168 -8.74 28.90 -2.25
C SER D 168 -8.65 27.43 -2.55
N ASN D 169 -8.10 26.66 -1.62
CA ASN D 169 -7.95 25.23 -1.76
C ASN D 169 -9.04 24.50 -1.02
N TYR D 170 -10.06 25.23 -0.60
CA TYR D 170 -11.20 24.61 0.06
C TYR D 170 -12.30 24.18 -0.92
N ALA D 171 -12.43 22.87 -1.10
CA ALA D 171 -13.46 22.25 -1.93
C ALA D 171 -14.69 21.90 -1.12
N VAL D 172 -15.86 22.02 -1.72
CA VAL D 172 -17.08 21.63 -1.08
C VAL D 172 -17.18 20.09 -1.20
N THR D 173 -17.28 19.37 -0.12
CA THR D 173 -17.29 17.91 -0.24
C THR D 173 -18.65 17.46 -0.75
N GLY D 174 -18.83 16.16 -0.97
CA GLY D 174 -20.05 15.66 -1.58
C GLY D 174 -21.05 15.18 -0.55
N LEU D 175 -21.33 16.03 0.43
CA LEU D 175 -22.27 15.69 1.50
C LEU D 175 -23.08 16.96 1.69
N TYR D 176 -24.40 16.90 1.54
CA TYR D 176 -25.16 18.13 1.57
C TYR D 176 -26.45 18.03 2.40
N PHE D 177 -26.71 18.98 3.27
CA PHE D 177 -27.99 19.03 4.01
C PHE D 177 -28.91 20.16 3.53
N TYR D 178 -30.14 19.83 3.18
CA TYR D 178 -31.11 20.85 2.73
C TYR D 178 -32.41 20.82 3.50
N ASP D 179 -33.11 21.94 3.45
CA ASP D 179 -34.40 22.09 4.08
C ASP D 179 -35.36 21.91 2.89
N GLN D 180 -36.61 22.33 3.01
CA GLN D 180 -37.56 22.20 1.92
C GLN D 180 -37.45 23.10 0.69
N GLN D 181 -36.46 23.96 0.59
CA GLN D 181 -36.39 24.84 -0.57
C GLN D 181 -35.67 24.17 -1.74
N VAL D 182 -35.04 23.04 -1.50
CA VAL D 182 -34.12 22.50 -2.49
C VAL D 182 -34.79 22.03 -3.74
N VAL D 183 -35.96 21.46 -3.62
CA VAL D 183 -36.62 20.92 -4.77
C VAL D 183 -36.96 22.01 -5.76
N ASP D 184 -37.57 23.07 -5.28
CA ASP D 184 -37.97 24.13 -6.17
C ASP D 184 -36.69 24.71 -6.73
N ILE D 185 -35.68 24.94 -5.88
CA ILE D 185 -34.44 25.51 -6.39
C ILE D 185 -33.95 24.66 -7.55
N ALA D 186 -34.00 23.36 -7.35
CA ALA D 186 -33.55 22.47 -8.39
C ALA D 186 -34.44 22.54 -9.62
N ARG D 187 -35.74 22.74 -9.42
CA ARG D 187 -36.65 22.78 -10.56
C ARG D 187 -36.44 23.98 -11.46
N ASP D 188 -35.88 25.09 -10.95
CA ASP D 188 -35.56 26.25 -11.78
C ASP D 188 -34.12 26.29 -12.30
N LEU D 189 -33.38 25.20 -12.29
CA LEU D 189 -32.02 25.30 -12.78
C LEU D 189 -31.95 25.03 -14.24
N LYS D 190 -31.05 25.76 -14.88
CA LYS D 190 -30.71 25.50 -16.25
C LYS D 190 -29.32 24.92 -16.26
N PRO D 191 -29.10 23.99 -17.18
CA PRO D 191 -27.82 23.35 -17.37
C PRO D 191 -26.76 24.35 -17.66
N SER D 192 -25.59 24.12 -17.07
CA SER D 192 -24.40 24.90 -17.31
C SER D 192 -23.80 24.48 -18.65
N PRO D 193 -22.75 25.16 -19.08
CA PRO D 193 -22.10 24.82 -20.34
C PRO D 193 -21.66 23.40 -20.35
N ARG D 194 -21.20 22.89 -19.21
CA ARG D 194 -20.88 21.48 -19.11
C ARG D 194 -22.05 20.59 -19.47
N GLY D 195 -23.26 21.11 -19.35
CA GLY D 195 -24.45 20.32 -19.62
C GLY D 195 -25.06 19.62 -18.41
N GLU D 196 -24.70 20.07 -17.22
CA GLU D 196 -25.26 19.49 -15.99
C GLU D 196 -26.04 20.48 -15.11
N LEU D 197 -26.90 19.93 -14.27
CA LEU D 197 -27.55 20.73 -13.24
C LEU D 197 -26.61 20.72 -12.02
N GLU D 198 -26.16 21.90 -11.65
CA GLU D 198 -25.09 22.06 -10.70
C GLU D 198 -25.47 22.29 -9.26
N ILE D 199 -25.05 21.37 -8.41
CA ILE D 199 -25.25 21.48 -6.99
C ILE D 199 -24.63 22.76 -6.47
N THR D 200 -23.68 23.28 -7.21
CA THR D 200 -23.10 24.52 -6.77
C THR D 200 -24.14 25.59 -6.98
N ASP D 201 -24.90 25.50 -8.07
CA ASP D 201 -25.91 26.54 -8.32
C ASP D 201 -26.93 26.45 -7.18
N VAL D 202 -27.14 25.24 -6.69
CA VAL D 202 -28.08 25.08 -5.61
C VAL D 202 -27.51 25.72 -4.37
N ASN D 203 -26.25 25.43 -4.11
CA ASN D 203 -25.62 25.96 -2.93
C ASN D 203 -25.64 27.48 -3.04
N ARG D 204 -25.19 28.03 -4.17
CA ARG D 204 -25.20 29.49 -4.31
C ARG D 204 -26.57 30.08 -3.99
N ALA D 205 -27.64 29.43 -4.44
CA ALA D 205 -28.97 30.00 -4.23
C ALA D 205 -29.18 30.24 -2.75
N TYR D 206 -28.79 29.25 -1.97
CA TYR D 206 -28.98 29.34 -0.53
C TYR D 206 -28.08 30.41 0.07
N LEU D 207 -26.86 30.48 -0.44
CA LEU D 207 -25.90 31.47 0.00
C LEU D 207 -26.44 32.86 -0.30
N GLU D 208 -27.10 33.02 -1.45
CA GLU D 208 -27.56 34.34 -1.88
C GLU D 208 -28.75 34.84 -1.01
N ARG D 209 -29.19 34.00 -0.08
CA ARG D 209 -30.16 34.45 0.91
C ARG D 209 -29.71 34.34 2.33
N GLY D 210 -28.41 34.23 2.51
CA GLY D 210 -27.85 34.19 3.84
C GLY D 210 -28.33 32.97 4.58
N GLN D 211 -28.52 31.88 3.84
CA GLN D 211 -29.02 30.65 4.43
C GLN D 211 -28.18 29.44 4.09
N LEU D 212 -26.99 29.66 3.58
CA LEU D 212 -26.09 28.57 3.33
C LEU D 212 -25.10 28.64 4.48
N SER D 213 -24.95 27.55 5.21
CA SER D 213 -23.90 27.46 6.23
C SER D 213 -22.76 26.55 5.79
N VAL D 214 -21.56 27.06 5.72
CA VAL D 214 -20.42 26.31 5.22
C VAL D 214 -19.49 25.98 6.37
N GLU D 215 -19.47 24.76 6.84
CA GLU D 215 -18.60 24.41 7.95
C GLU D 215 -17.28 23.88 7.41
N ILE D 216 -16.18 24.40 7.97
CA ILE D 216 -14.90 23.87 7.60
C ILE D 216 -14.70 22.50 8.21
N MET D 217 -14.26 21.58 7.39
CA MET D 217 -14.01 20.25 7.85
C MET D 217 -12.50 20.26 7.94
N GLY D 218 -11.96 20.15 9.14
CA GLY D 218 -10.53 20.28 9.32
C GLY D 218 -9.70 19.14 8.86
N ARG D 219 -8.40 19.39 8.71
CA ARG D 219 -7.42 18.41 8.23
C ARG D 219 -7.32 17.15 9.06
N GLY D 220 -8.00 17.14 10.19
CA GLY D 220 -8.02 15.95 11.01
C GLY D 220 -8.94 14.88 10.47
N TYR D 221 -9.96 15.27 9.73
CA TYR D 221 -10.84 14.33 9.10
C TYR D 221 -10.27 13.87 7.78
N ALA D 222 -10.73 12.70 7.35
CA ALA D 222 -10.44 12.19 6.06
C ALA D 222 -11.67 12.33 5.17
N TRP D 223 -11.50 12.96 4.01
CA TRP D 223 -12.56 13.00 3.02
C TRP D 223 -11.88 12.40 1.81
N LEU D 224 -12.22 11.17 1.48
CA LEU D 224 -11.61 10.52 0.34
C LEU D 224 -12.65 10.19 -0.68
N ASP D 225 -12.26 10.32 -1.91
CA ASP D 225 -13.20 10.02 -2.95
C ASP D 225 -12.36 9.16 -3.88
N THR D 226 -12.99 8.12 -4.35
CA THR D 226 -12.24 7.03 -4.93
C THR D 226 -12.37 7.28 -6.42
N GLY D 227 -11.66 8.30 -6.88
CA GLY D 227 -11.90 8.79 -8.23
C GLY D 227 -10.92 8.16 -9.18
N THR D 228 -9.85 7.65 -8.64
CA THR D 228 -8.95 7.05 -9.57
C THR D 228 -8.41 5.74 -9.07
N HIS D 229 -7.94 4.94 -10.01
CA HIS D 229 -7.41 3.65 -9.62
C HIS D 229 -6.53 3.78 -8.41
N ASP D 230 -5.65 4.77 -8.41
CA ASP D 230 -4.73 4.94 -7.30
C ASP D 230 -5.47 5.34 -6.05
N SER D 231 -6.43 6.24 -6.17
CA SER D 231 -7.04 6.78 -4.98
C SER D 231 -7.90 5.68 -4.37
N LEU D 232 -8.37 4.78 -5.22
CA LEU D 232 -9.19 3.67 -4.79
C LEU D 232 -8.30 2.77 -3.94
N LEU D 233 -7.12 2.53 -4.44
CA LEU D 233 -6.13 1.79 -3.73
C LEU D 233 -5.81 2.37 -2.37
N GLU D 234 -5.52 3.66 -2.36
CA GLU D 234 -5.11 4.31 -1.14
C GLU D 234 -6.18 4.23 -0.11
N ALA D 235 -7.42 4.36 -0.55
CA ALA D 235 -8.54 4.38 0.35
C ALA D 235 -8.64 3.05 1.04
N GLY D 236 -8.62 2.00 0.24
CA GLY D 236 -8.78 0.66 0.75
C GLY D 236 -7.70 0.45 1.79
N GLN D 237 -6.56 1.01 1.49
CA GLN D 237 -5.42 0.82 2.32
C GLN D 237 -5.54 1.64 3.61
N PHE D 238 -6.13 2.81 3.47
CA PHE D 238 -6.33 3.73 4.59
C PHE D 238 -7.24 2.96 5.53
N ILE D 239 -8.30 2.35 4.99
CA ILE D 239 -9.21 1.61 5.82
C ILE D 239 -8.54 0.38 6.43
N ALA D 240 -7.82 -0.36 5.60
CA ALA D 240 -7.16 -1.55 6.11
C ALA D 240 -6.29 -1.19 7.31
N THR D 241 -5.57 -0.09 7.26
CA THR D 241 -4.68 0.24 8.36
C THR D 241 -5.46 0.47 9.66
N LEU D 242 -6.48 1.29 9.61
CA LEU D 242 -7.27 1.56 10.79
C LEU D 242 -7.90 0.29 11.36
N GLU D 243 -8.46 -0.53 10.50
CA GLU D 243 -9.17 -1.70 10.95
C GLU D 243 -8.23 -2.71 11.65
N ASN D 244 -7.04 -2.91 11.11
CA ASN D 244 -6.16 -3.94 11.63
C ASN D 244 -5.41 -3.51 12.89
N ARG D 245 -5.46 -2.23 13.18
CA ARG D 245 -4.85 -1.70 14.37
C ARG D 245 -5.84 -1.67 15.53
N GLN D 246 -7.10 -1.30 15.22
CA GLN D 246 -8.16 -1.15 16.20
C GLN D 246 -8.94 -2.38 16.61
N GLY D 247 -9.22 -3.24 15.64
CA GLY D 247 -10.10 -4.39 15.83
C GLY D 247 -11.55 -3.91 15.71
N LEU D 248 -11.75 -2.75 15.10
CA LEU D 248 -13.06 -2.23 14.82
C LEU D 248 -13.22 -2.04 13.32
N LYS D 249 -14.43 -1.97 12.82
CA LYS D 249 -14.55 -1.86 11.39
C LYS D 249 -15.22 -0.56 11.05
N VAL D 250 -14.79 0.01 9.94
CA VAL D 250 -15.37 1.24 9.50
C VAL D 250 -16.57 0.98 8.62
N ALA D 251 -17.58 1.79 8.83
CA ALA D 251 -18.75 1.82 8.00
C ALA D 251 -19.42 0.47 7.86
N CYS D 252 -19.71 -0.12 8.98
CA CYS D 252 -20.34 -1.40 8.99
C CYS D 252 -21.75 -1.19 9.52
N PRO D 253 -22.69 -1.18 8.60
CA PRO D 253 -24.08 -0.79 8.91
C PRO D 253 -24.71 -1.60 10.03
N GLU D 254 -24.42 -2.88 10.09
CA GLU D 254 -25.01 -3.67 11.14
C GLU D 254 -24.62 -3.02 12.46
N GLU D 255 -23.36 -2.66 12.58
CA GLU D 255 -22.91 -2.12 13.85
C GLU D 255 -23.63 -0.82 14.15
N ILE D 256 -23.74 0.04 13.15
CA ILE D 256 -24.35 1.33 13.42
C ILE D 256 -25.81 1.21 13.78
N ALA D 257 -26.53 0.37 13.04
CA ALA D 257 -27.94 0.12 13.37
C ALA D 257 -28.11 -0.41 14.78
N TYR D 258 -27.24 -1.30 15.20
CA TYR D 258 -27.31 -1.81 16.56
C TYR D 258 -27.01 -0.68 17.56
N ARG D 259 -25.92 0.05 17.36
CA ARG D 259 -25.50 1.08 18.30
C ARG D 259 -26.63 2.13 18.47
N GLN D 260 -27.30 2.45 17.38
CA GLN D 260 -28.44 3.37 17.41
C GLN D 260 -29.77 2.74 17.80
N LYS D 261 -29.74 1.49 18.26
CA LYS D 261 -30.95 0.76 18.66
C LYS D 261 -32.00 0.64 17.53
N TRP D 262 -31.59 0.66 16.26
CA TRP D 262 -32.55 0.46 15.15
C TRP D 262 -32.81 -1.02 14.94
N ILE D 263 -31.90 -1.85 15.44
CA ILE D 263 -32.11 -3.29 15.52
C ILE D 263 -31.69 -3.69 16.93
N ASP D 264 -32.16 -4.85 17.40
CA ASP D 264 -31.83 -5.34 18.73
C ASP D 264 -30.86 -6.49 18.63
N ALA D 265 -30.29 -6.89 19.76
CA ALA D 265 -29.33 -7.98 19.81
C ALA D 265 -29.78 -9.17 18.97
N ALA D 266 -31.03 -9.59 19.12
CA ALA D 266 -31.46 -10.79 18.45
C ALA D 266 -31.25 -10.59 16.95
N GLN D 267 -31.57 -9.40 16.49
CA GLN D 267 -31.54 -9.15 15.05
C GLN D 267 -30.10 -9.13 14.55
N LEU D 268 -29.22 -8.57 15.36
CA LEU D 268 -27.81 -8.54 15.06
C LEU D 268 -27.30 -9.97 14.98
N GLU D 269 -27.63 -10.80 15.96
CA GLU D 269 -27.17 -12.19 15.90
C GLU D 269 -27.58 -12.80 14.56
N LYS D 270 -28.85 -12.78 14.26
CA LYS D 270 -29.40 -13.33 13.03
C LYS D 270 -28.73 -12.80 11.74
N LEU D 271 -28.28 -11.54 11.74
CA LEU D 271 -27.54 -11.01 10.60
C LEU D 271 -26.15 -11.60 10.50
N ALA D 272 -25.63 -12.08 11.63
CA ALA D 272 -24.29 -12.61 11.71
C ALA D 272 -24.13 -14.04 11.23
N ALA D 273 -25.16 -14.85 11.46
CA ALA D 273 -25.11 -16.27 11.19
C ALA D 273 -24.54 -16.55 9.79
N PRO D 274 -25.19 -15.96 8.79
CA PRO D 274 -24.87 -16.28 7.39
C PRO D 274 -23.43 -15.94 7.09
N LEU D 275 -22.85 -15.02 7.88
CA LEU D 275 -21.46 -14.58 7.68
C LEU D 275 -20.47 -15.15 8.73
N ALA D 276 -20.89 -16.12 9.53
CA ALA D 276 -20.04 -16.63 10.62
C ALA D 276 -18.67 -17.17 10.19
N LYS D 277 -18.61 -17.81 9.03
CA LYS D 277 -17.35 -18.41 8.60
C LYS D 277 -16.27 -17.38 8.28
N ASN D 278 -16.55 -16.08 8.45
CA ASN D 278 -15.54 -15.10 8.11
C ASN D 278 -15.37 -13.97 9.10
N GLY D 279 -14.37 -13.15 8.85
CA GLY D 279 -14.07 -12.02 9.70
C GLY D 279 -15.28 -11.17 9.98
N TYR D 280 -16.04 -10.87 8.94
CA TYR D 280 -17.10 -9.88 9.08
C TYR D 280 -18.11 -10.41 10.05
N GLY D 281 -18.51 -11.64 9.83
CA GLY D 281 -19.49 -12.25 10.70
C GLY D 281 -19.00 -12.35 12.12
N GLN D 282 -17.71 -12.67 12.27
CA GLN D 282 -17.18 -12.91 13.59
C GLN D 282 -17.29 -11.60 14.34
N TYR D 283 -16.97 -10.51 13.66
CA TYR D 283 -17.00 -9.19 14.25
C TYR D 283 -18.39 -8.89 14.78
N LEU D 284 -19.39 -9.00 13.94
CA LEU D 284 -20.73 -8.77 14.44
C LEU D 284 -20.99 -9.54 15.73
N LYS D 285 -20.65 -10.83 15.77
CA LYS D 285 -20.93 -11.62 16.95
C LYS D 285 -20.26 -10.98 18.15
N ARG D 286 -19.02 -10.56 17.94
CA ARG D 286 -18.24 -10.04 19.04
C ARG D 286 -18.94 -8.80 19.59
N LEU D 287 -19.53 -8.00 18.73
CA LEU D 287 -20.17 -6.79 19.22
C LEU D 287 -21.26 -7.05 20.25
N LEU D 288 -21.84 -8.24 20.28
CA LEU D 288 -22.92 -8.49 21.24
C LEU D 288 -22.44 -8.53 22.67
N THR D 289 -21.16 -8.79 22.89
CA THR D 289 -20.65 -8.99 24.24
C THR D 289 -19.40 -8.19 24.58
N GLU D 290 -19.24 -7.04 23.95
CA GLU D 290 -18.08 -6.19 24.22
C GLU D 290 -18.57 -4.77 24.21
N THR D 291 -18.20 -4.07 25.25
CA THR D 291 -18.56 -2.70 25.34
C THR D 291 -17.51 -1.97 24.53
N VAL D 292 -17.96 -1.23 23.54
CA VAL D 292 -17.07 -0.44 22.72
C VAL D 292 -17.47 1.01 22.87
N TYR D 293 -16.57 1.82 23.38
CA TYR D 293 -16.87 3.24 23.58
C TYR D 293 -16.74 4.09 22.34
#